data_5FNA
#
_entry.id   5FNA
#
_cell.length_a   1.000
_cell.length_b   1.000
_cell.length_c   1.000
_cell.angle_alpha   90.00
_cell.angle_beta   90.00
_cell.angle_gamma   90.00
#
_symmetry.space_group_name_H-M   'P 1'
#
_entity_poly.entity_id   1
_entity_poly.type   'polypeptide(L)'
_entity_poly.pdbx_seq_one_letter_code
;ADKVLKEKRKLFIRSMGEGTINGLLDELLQTRVLNKEEMEKVKRENATVMDKTRALIDSVIPKGAQACQICITYICEEDS
YLAGT
;
_entity_poly.pdbx_strand_id   A,B,C,D,E,F,G,H
#
# COMPACT_ATOMS: atom_id res chain seq x y z
N ALA A 1 -5.97 10.44 39.46
CA ALA A 1 -7.28 10.15 38.89
C ALA A 1 -7.40 8.68 38.51
N ASP A 2 -6.44 8.20 37.72
CA ASP A 2 -6.43 6.81 37.27
C ASP A 2 -7.72 6.47 36.50
N LYS A 3 -8.37 5.37 36.85
CA LYS A 3 -9.59 4.96 36.19
C LYS A 3 -10.70 5.99 36.40
N VAL A 4 -10.52 6.86 37.38
CA VAL A 4 -11.48 7.89 37.68
C VAL A 4 -11.80 8.65 36.44
N LEU A 5 -10.85 8.66 35.51
CA LEU A 5 -11.06 9.38 34.27
C LEU A 5 -12.02 8.69 33.34
N LYS A 6 -12.69 7.64 33.81
CA LYS A 6 -13.79 7.13 33.02
C LYS A 6 -14.92 8.14 33.06
N GLU A 7 -14.81 9.10 33.95
CA GLU A 7 -15.80 10.17 33.95
C GLU A 7 -15.29 11.43 33.28
N LYS A 8 -14.14 11.24 32.62
CA LYS A 8 -13.40 12.22 31.81
C LYS A 8 -13.90 12.77 30.46
N ARG A 9 -14.44 11.94 29.56
CA ARG A 9 -14.93 10.59 29.73
C ARG A 9 -14.72 9.66 28.56
N LYS A 10 -15.03 8.36 28.69
CA LYS A 10 -14.62 7.53 27.56
C LYS A 10 -15.61 7.60 26.37
N LEU A 11 -16.46 8.64 26.31
CA LEU A 11 -17.29 8.93 25.18
C LEU A 11 -16.55 9.74 24.17
N PHE A 12 -15.38 10.21 24.55
CA PHE A 12 -14.55 10.96 23.64
C PHE A 12 -13.46 10.10 23.06
N ILE A 13 -13.60 8.78 23.19
CA ILE A 13 -12.54 7.93 22.64
C ILE A 13 -12.66 7.93 21.11
N ARG A 14 -13.82 8.35 20.64
CA ARG A 14 -14.09 8.57 19.25
C ARG A 14 -13.04 9.44 18.55
N SER A 15 -12.33 10.29 19.30
CA SER A 15 -11.27 11.12 18.72
C SER A 15 -9.88 10.47 18.60
N MET A 16 -9.70 9.27 19.13
CA MET A 16 -8.38 8.62 19.08
C MET A 16 -8.16 7.85 17.78
N GLY A 17 -6.90 7.62 17.42
CA GLY A 17 -6.57 6.83 16.23
C GLY A 17 -5.21 6.14 16.34
N GLU A 18 -5.02 5.11 15.49
CA GLU A 18 -3.82 4.23 15.50
C GLU A 18 -2.54 4.98 15.30
N GLY A 19 -2.64 6.16 14.70
CA GLY A 19 -1.50 7.03 14.48
C GLY A 19 -0.77 7.34 15.76
N THR A 20 -1.47 7.32 16.88
CA THR A 20 -0.83 7.57 18.13
C THR A 20 -1.00 6.41 19.08
N ILE A 21 -2.06 5.63 18.90
CA ILE A 21 -2.33 4.51 19.78
C ILE A 21 -1.24 3.49 19.67
N ASN A 22 -0.76 3.27 18.46
CA ASN A 22 0.28 2.28 18.24
C ASN A 22 1.48 2.63 19.09
N GLY A 23 1.82 3.92 19.15
CA GLY A 23 2.92 4.40 19.96
C GLY A 23 2.62 4.19 21.44
N LEU A 24 1.39 4.44 21.83
CA LEU A 24 0.99 4.22 23.21
C LEU A 24 1.25 2.78 23.58
N LEU A 25 0.81 1.89 22.71
CA LEU A 25 0.92 0.48 22.94
C LEU A 25 2.38 0.08 23.06
N ASP A 26 3.21 0.69 22.22
CA ASP A 26 4.62 0.39 22.23
C ASP A 26 5.20 0.78 23.55
N GLU A 27 4.73 1.90 24.10
CA GLU A 27 5.17 2.30 25.39
C GLU A 27 4.65 1.39 26.46
N LEU A 28 3.44 0.86 26.31
CA LEU A 28 2.94 -0.03 27.34
C LEU A 28 3.76 -1.30 27.39
N LEU A 29 4.28 -1.68 26.22
CA LEU A 29 5.21 -2.78 26.15
C LEU A 29 6.53 -2.45 26.84
N GLN A 30 7.07 -1.27 26.56
CA GLN A 30 8.34 -0.83 27.13
C GLN A 30 8.29 -0.77 28.63
N THR A 31 7.13 -0.38 29.14
CA THR A 31 6.90 -0.14 30.53
C THR A 31 6.32 -1.36 31.17
N ARG A 32 6.29 -2.44 30.39
CA ARG A 32 5.88 -3.74 30.83
C ARG A 32 4.52 -3.69 31.49
N VAL A 33 3.65 -2.80 30.99
CA VAL A 33 2.29 -2.76 31.47
C VAL A 33 1.53 -3.89 30.86
N LEU A 34 1.64 -4.03 29.55
CA LEU A 34 0.96 -5.13 28.91
C LEU A 34 1.95 -6.09 28.32
N ASN A 35 1.63 -7.37 28.40
CA ASN A 35 2.45 -8.44 27.84
C ASN A 35 2.39 -8.42 26.33
N LYS A 36 3.50 -8.80 25.68
CA LYS A 36 3.58 -8.84 24.23
C LYS A 36 2.50 -9.71 23.64
N GLU A 37 2.17 -10.80 24.31
CA GLU A 37 1.16 -11.73 23.85
C GLU A 37 -0.18 -11.02 23.80
N GLU A 38 -0.57 -10.47 24.93
CA GLU A 38 -1.83 -9.80 24.97
C GLU A 38 -1.79 -8.53 24.22
N MET A 39 -0.60 -8.01 23.93
CA MET A 39 -0.46 -6.85 23.06
C MET A 39 -0.93 -7.20 21.66
N GLU A 40 -0.52 -8.38 21.21
CA GLU A 40 -0.84 -8.82 19.89
C GLU A 40 -2.33 -9.07 19.81
N LYS A 41 -2.91 -9.49 20.92
CA LYS A 41 -4.32 -9.80 20.95
C LYS A 41 -5.21 -8.61 20.62
N VAL A 42 -4.68 -7.39 20.64
CA VAL A 42 -5.49 -6.21 20.39
C VAL A 42 -5.94 -6.25 19.00
N LYS A 43 -5.15 -6.94 18.17
CA LYS A 43 -5.37 -7.09 16.72
C LYS A 43 -6.66 -7.88 16.34
N ARG A 44 -7.32 -8.52 17.32
CA ARG A 44 -8.58 -9.22 17.17
C ARG A 44 -9.78 -8.27 16.93
N GLU A 45 -9.66 -6.98 17.30
CA GLU A 45 -10.71 -5.95 17.38
C GLU A 45 -11.59 -5.74 16.14
N ASN A 46 -12.90 -5.73 16.35
CA ASN A 46 -13.85 -5.60 15.24
C ASN A 46 -13.77 -4.27 14.50
N ALA A 47 -13.94 -4.33 13.19
CA ALA A 47 -13.96 -3.15 12.34
C ALA A 47 -12.66 -2.32 12.41
N THR A 48 -12.78 -1.01 12.58
CA THR A 48 -11.63 -0.11 12.59
C THR A 48 -10.70 -0.35 13.77
N VAL A 49 -9.39 -0.20 13.53
CA VAL A 49 -8.40 -0.36 14.57
C VAL A 49 -8.85 0.50 15.74
N MET A 50 -9.60 1.55 15.44
CA MET A 50 -10.06 2.50 16.44
C MET A 50 -10.93 1.87 17.53
N ASP A 51 -11.69 0.86 17.21
CA ASP A 51 -12.59 0.33 18.20
C ASP A 51 -11.64 -0.03 19.32
N LYS A 52 -10.36 -0.18 18.97
CA LYS A 52 -9.39 -0.72 19.86
C LYS A 52 -9.37 0.14 21.09
N THR A 53 -9.97 1.31 20.98
CA THR A 53 -10.10 2.16 22.13
C THR A 53 -10.97 1.54 23.16
N ARG A 54 -11.89 0.68 22.75
CA ARG A 54 -12.68 -0.11 23.69
C ARG A 54 -11.76 -1.06 24.47
N ALA A 55 -10.79 -1.66 23.76
CA ALA A 55 -9.81 -2.54 24.36
C ALA A 55 -8.89 -1.75 25.28
N LEU A 56 -8.58 -0.50 24.93
CA LEU A 56 -7.74 0.32 25.79
C LEU A 56 -8.44 0.59 27.10
N ILE A 57 -9.75 0.80 27.04
CA ILE A 57 -10.53 0.99 28.24
C ILE A 57 -10.41 -0.23 29.10
N ASP A 58 -10.51 -1.39 28.48
CA ASP A 58 -10.43 -2.64 29.21
C ASP A 58 -9.08 -2.75 29.89
N SER A 59 -8.05 -2.30 29.19
CA SER A 59 -6.70 -2.39 29.66
C SER A 59 -6.39 -1.33 30.69
N VAL A 60 -7.42 -0.60 31.12
CA VAL A 60 -7.34 0.21 32.31
C VAL A 60 -7.73 -0.75 33.42
N ILE A 61 -6.81 -1.64 33.77
CA ILE A 61 -7.16 -2.73 34.67
C ILE A 61 -7.63 -2.13 35.98
N PRO A 62 -8.71 -2.68 36.51
CA PRO A 62 -9.29 -2.13 37.72
C PRO A 62 -8.27 -2.03 38.85
N LYS A 63 -7.34 -2.99 38.92
CA LYS A 63 -6.28 -2.98 39.95
C LYS A 63 -4.92 -2.41 39.49
N GLY A 64 -4.89 -1.92 38.26
CA GLY A 64 -3.70 -1.49 37.58
C GLY A 64 -3.88 -0.16 36.91
N ALA A 65 -4.89 0.61 37.31
CA ALA A 65 -5.25 1.87 36.66
C ALA A 65 -4.15 2.91 36.84
N GLN A 66 -3.34 2.75 37.87
CA GLN A 66 -2.26 3.68 38.10
C GLN A 66 -1.22 3.59 36.98
N ALA A 67 -1.27 2.52 36.20
CA ALA A 67 -0.34 2.39 35.09
C ALA A 67 -0.75 3.34 33.97
N CYS A 68 -1.97 3.82 34.02
CA CYS A 68 -2.46 4.70 33.02
C CYS A 68 -1.96 6.10 33.28
N GLN A 69 -1.24 6.27 34.37
CA GLN A 69 -0.55 7.54 34.59
C GLN A 69 0.56 7.61 33.56
N ILE A 70 1.06 6.45 33.18
CA ILE A 70 2.05 6.39 32.12
C ILE A 70 1.35 6.82 30.84
N CYS A 71 0.16 6.26 30.62
CA CYS A 71 -0.62 6.67 29.46
C CYS A 71 -0.86 8.17 29.46
N ILE A 72 -1.13 8.78 30.62
CA ILE A 72 -1.37 10.21 30.67
C ILE A 72 -0.13 10.95 30.24
N THR A 73 1.05 10.51 30.68
CA THR A 73 2.22 11.27 30.30
C THR A 73 2.44 11.10 28.80
N TYR A 74 2.03 9.95 28.26
CA TYR A 74 2.10 9.79 26.83
C TYR A 74 1.16 10.77 26.18
N ILE A 75 -0.07 10.87 26.68
CA ILE A 75 -1.09 11.75 26.14
C ILE A 75 -0.59 13.19 26.08
N CYS A 76 0.12 13.59 27.13
CA CYS A 76 0.66 14.92 27.26
C CYS A 76 1.47 15.30 26.05
N GLU A 77 2.34 14.39 25.63
CA GLU A 77 3.17 14.66 24.49
C GLU A 77 2.56 14.18 23.19
N GLU A 78 1.60 13.28 23.32
CA GLU A 78 0.85 12.72 22.22
C GLU A 78 0.12 13.73 21.38
N ASP A 79 -0.73 14.51 22.02
CA ASP A 79 -1.53 15.44 21.25
C ASP A 79 -2.00 16.64 22.04
N SER A 80 -1.33 17.75 21.80
CA SER A 80 -1.64 19.01 22.46
C SER A 80 -2.96 19.63 22.01
N TYR A 81 -3.59 19.05 21.02
CA TYR A 81 -4.88 19.52 20.59
C TYR A 81 -6.00 18.57 20.98
N LEU A 82 -5.72 17.60 21.86
CA LEU A 82 -6.73 16.63 22.26
C LEU A 82 -7.63 17.15 23.36
N ALA A 83 -8.93 16.97 23.19
CA ALA A 83 -9.91 17.35 24.18
C ALA A 83 -9.61 16.63 25.46
N GLY A 84 -9.70 17.36 26.55
CA GLY A 84 -9.42 16.79 27.86
C GLY A 84 -7.99 17.11 28.26
N THR A 85 -7.23 17.76 27.38
CA THR A 85 -5.87 18.14 27.71
C THR A 85 -5.35 19.21 26.74
N ALA B 1 -41.11 3.79 -2.84
CA ALA B 1 -40.71 2.38 -2.87
C ALA B 1 -39.92 2.01 -1.63
N ASP B 2 -38.86 2.77 -1.35
CA ASP B 2 -38.01 2.53 -0.19
C ASP B 2 -37.42 1.12 -0.25
N LYS B 3 -37.52 0.38 0.86
CA LYS B 3 -36.98 -0.98 0.92
C LYS B 3 -37.69 -1.89 -0.07
N VAL B 4 -38.85 -1.46 -0.55
CA VAL B 4 -39.62 -2.22 -1.49
C VAL B 4 -38.75 -2.60 -2.65
N LEU B 5 -37.73 -1.80 -2.89
CA LEU B 5 -36.84 -2.08 -4.00
C LEU B 5 -35.91 -3.24 -3.74
N LYS B 6 -36.14 -3.98 -2.67
CA LYS B 6 -35.45 -5.23 -2.53
C LYS B 6 -36.00 -6.20 -3.55
N GLU B 7 -37.12 -5.84 -4.15
CA GLU B 7 -37.62 -6.65 -5.24
C GLU B 7 -37.30 -6.09 -6.61
N LYS B 8 -36.42 -5.07 -6.56
CA LYS B 8 -35.84 -4.32 -7.67
C LYS B 8 -34.85 -4.93 -8.67
N ARG B 9 -33.84 -5.71 -8.26
CA ARG B 9 -33.67 -6.35 -6.97
C ARG B 9 -32.24 -6.43 -6.46
N LYS B 10 -32.01 -6.90 -5.22
CA LYS B 10 -30.62 -6.76 -4.77
C LYS B 10 -29.72 -7.90 -5.33
N LEU B 11 -30.13 -8.59 -6.38
CA LEU B 11 -29.30 -9.53 -7.10
C LEU B 11 -28.49 -8.83 -8.15
N PHE B 12 -28.79 -7.56 -8.37
CA PHE B 12 -28.03 -6.76 -9.30
C PHE B 12 -27.02 -5.90 -8.59
N ILE B 13 -26.76 -6.21 -7.32
CA ILE B 13 -25.78 -5.37 -6.61
C ILE B 13 -24.39 -5.69 -7.13
N ARG B 14 -24.28 -6.83 -7.77
CA ARG B 14 -23.09 -7.26 -8.46
C ARG B 14 -22.53 -6.21 -9.44
N SER B 15 -23.37 -5.29 -9.92
CA SER B 15 -22.91 -4.22 -10.79
C SER B 15 -22.34 -2.97 -10.11
N MET B 16 -22.42 -2.88 -8.79
CA MET B 16 -21.94 -1.68 -8.09
C MET B 16 -20.46 -1.75 -7.79
N GLY B 17 -19.83 -0.60 -7.57
CA GLY B 17 -18.40 -0.55 -7.20
C GLY B 17 -18.05 0.70 -6.40
N GLU B 18 -16.90 0.64 -5.70
CA GLU B 18 -16.43 1.68 -4.77
C GLU B 18 -16.25 3.01 -5.43
N GLY B 19 -16.08 3.00 -6.74
CA GLY B 19 -15.94 4.20 -7.54
C GLY B 19 -17.10 5.14 -7.36
N THR B 20 -18.27 4.61 -7.02
CA THR B 20 -19.39 5.45 -6.79
C THR B 20 -19.95 5.26 -5.39
N ILE B 21 -19.73 4.08 -4.81
CA ILE B 21 -20.24 3.78 -3.49
C ILE B 21 -19.63 4.70 -2.47
N ASN B 22 -18.35 4.96 -2.62
CA ASN B 22 -17.65 5.82 -1.69
C ASN B 22 -18.33 7.17 -1.63
N GLY B 23 -18.74 7.68 -2.79
CA GLY B 23 -19.44 8.94 -2.88
C GLY B 23 -20.81 8.83 -2.22
N LEU B 24 -21.48 7.71 -2.43
CA LEU B 24 -22.76 7.48 -1.80
C LEU B 24 -22.61 7.59 -0.30
N LEU B 25 -21.60 6.91 0.21
CA LEU B 25 -21.35 6.86 1.63
C LEU B 25 -21.08 8.25 2.15
N ASP B 26 -20.35 9.04 1.37
CA ASP B 26 -20.01 10.37 1.79
C ASP B 26 -21.27 11.19 1.90
N GLU B 27 -22.20 10.96 0.99
CA GLU B 27 -23.47 11.63 1.07
C GLU B 27 -24.26 11.14 2.25
N LEU B 28 -24.18 9.86 2.59
CA LEU B 28 -24.95 9.39 3.72
C LEU B 28 -24.45 10.03 5.00
N LEU B 29 -23.15 10.32 5.02
CA LEU B 29 -22.56 11.08 6.11
C LEU B 29 -23.08 12.51 6.14
N GLN B 30 -23.10 13.15 4.98
CA GLN B 30 -23.54 14.54 4.87
C GLN B 30 -24.97 14.71 5.29
N THR B 31 -25.76 13.71 5.00
CA THR B 31 -27.19 13.71 5.23
C THR B 31 -27.50 13.05 6.53
N ARG B 32 -26.44 12.76 7.29
CA ARG B 32 -26.52 12.25 8.63
C ARG B 32 -27.40 11.01 8.67
N VAL B 33 -27.36 10.22 7.60
CA VAL B 33 -28.06 8.96 7.60
C VAL B 33 -27.26 7.97 8.40
N LEU B 34 -25.97 7.87 8.11
CA LEU B 34 -25.16 6.96 8.88
C LEU B 34 -24.13 7.73 9.65
N ASN B 35 -23.86 7.25 10.87
CA ASN B 35 -22.87 7.83 11.75
C ASN B 35 -21.47 7.56 11.24
N LYS B 36 -20.54 8.50 11.47
CA LYS B 36 -19.17 8.37 11.03
C LYS B 36 -18.53 7.11 11.56
N GLU B 37 -18.88 6.73 12.78
CA GLU B 37 -18.34 5.55 13.42
C GLU B 37 -18.75 4.33 12.63
N GLU B 38 -20.05 4.18 12.45
CA GLU B 38 -20.52 3.04 11.72
C GLU B 38 -20.20 3.15 10.28
N MET B 39 -19.89 4.34 9.80
CA MET B 39 -19.42 4.52 8.44
C MET B 39 -18.08 3.81 8.26
N GLU B 40 -17.22 4.00 9.25
CA GLU B 40 -15.91 3.43 9.20
C GLU B 40 -16.02 1.93 9.28
N LYS B 41 -17.02 1.46 9.99
CA LYS B 41 -17.20 0.03 10.18
C LYS B 41 -17.43 -0.73 8.88
N VAL B 42 -17.74 -0.03 7.78
CA VAL B 42 -18.02 -0.70 6.53
C VAL B 42 -16.78 -1.34 6.07
N LYS B 43 -15.64 -0.77 6.50
CA LYS B 43 -14.30 -1.22 6.15
C LYS B 43 -13.92 -2.63 6.65
N ARG B 44 -14.75 -3.23 7.53
CA ARG B 44 -14.62 -4.59 8.03
C ARG B 44 -14.89 -5.67 6.95
N GLU B 45 -15.63 -5.32 5.87
CA GLU B 45 -16.20 -6.20 4.84
C GLU B 45 -15.27 -7.21 4.16
N ASN B 46 -15.70 -8.46 4.11
CA ASN B 46 -14.88 -9.53 3.54
C ASN B 46 -14.60 -9.37 2.05
N ALA B 47 -13.38 -9.74 1.66
CA ALA B 47 -12.96 -9.71 0.27
C ALA B 47 -13.06 -8.31 -0.37
N THR B 48 -13.65 -8.23 -1.57
CA THR B 48 -13.73 -6.97 -2.31
C THR B 48 -14.59 -5.92 -1.62
N VAL B 49 -14.18 -4.67 -1.72
CA VAL B 49 -14.93 -3.56 -1.15
C VAL B 49 -16.37 -3.72 -1.60
N MET B 50 -16.55 -4.36 -2.76
CA MET B 50 -17.86 -4.53 -3.36
C MET B 50 -18.84 -5.32 -2.48
N ASP B 51 -18.35 -6.25 -1.69
CA ASP B 51 -19.28 -7.07 -0.94
C ASP B 51 -20.04 -6.03 -0.15
N LYS B 52 -19.44 -4.85 -0.03
CA LYS B 52 -19.93 -3.84 0.87
C LYS B 52 -21.34 -3.54 0.46
N THR B 53 -21.72 -3.98 -0.72
CA THR B 53 -23.07 -3.83 -1.16
C THR B 53 -24.00 -4.62 -0.30
N ARG B 54 -23.51 -5.70 0.30
CA ARG B 54 -24.27 -6.44 1.29
C ARG B 54 -24.54 -5.57 2.51
N ALA B 55 -23.52 -4.80 2.91
CA ALA B 55 -23.64 -3.88 4.02
C ALA B 55 -24.58 -2.73 3.67
N LEU B 56 -24.59 -2.31 2.40
CA LEU B 56 -25.50 -1.25 1.99
C LEU B 56 -26.93 -1.72 2.11
N ILE B 57 -27.16 -2.98 1.78
CA ILE B 57 -28.49 -3.55 1.94
C ILE B 57 -28.89 -3.49 3.38
N ASP B 58 -27.96 -3.83 4.26
CA ASP B 58 -28.23 -3.81 5.67
C ASP B 58 -28.60 -2.41 6.12
N SER B 59 -27.90 -1.43 5.55
CA SER B 59 -28.08 -0.06 5.90
C SER B 59 -29.32 0.54 5.27
N VAL B 60 -30.12 -0.31 4.66
CA VAL B 60 -31.48 0.03 4.28
C VAL B 60 -32.28 -0.32 5.52
N ILE B 61 -32.16 0.50 6.56
CA ILE B 61 -32.71 0.14 7.84
C ILE B 61 -34.21 -0.06 7.68
N PRO B 62 -34.73 -1.12 8.28
CA PRO B 62 -36.14 -1.45 8.11
C PRO B 62 -37.04 -0.26 8.49
N LYS B 63 -36.65 0.52 9.48
CA LYS B 63 -37.41 1.70 9.90
C LYS B 63 -36.92 3.05 9.33
N GLY B 64 -35.93 2.98 8.47
CA GLY B 64 -35.21 4.12 7.93
C GLY B 64 -35.04 4.03 6.46
N ALA B 65 -35.83 3.19 5.78
CA ALA B 65 -35.68 2.93 4.35
C ALA B 65 -35.99 4.16 3.51
N GLN B 66 -36.75 5.09 4.08
CA GLN B 66 -37.06 6.31 3.37
C GLN B 66 -35.81 7.14 3.17
N ALA B 67 -34.76 6.86 3.92
CA ALA B 67 -33.51 7.59 3.74
C ALA B 67 -32.83 7.17 2.45
N CYS B 68 -33.25 6.03 1.92
CA CYS B 68 -32.67 5.54 0.71
C CYS B 68 -33.26 6.25 -0.46
N GLN B 69 -34.22 7.16 -0.21
CA GLN B 69 -34.70 8.02 -1.27
C GLN B 69 -33.56 8.97 -1.60
N ILE B 70 -32.74 9.26 -0.58
CA ILE B 70 -31.57 10.06 -0.80
C ILE B 70 -30.64 9.25 -1.68
N CYS B 71 -30.46 7.99 -1.33
CA CYS B 71 -29.65 7.11 -2.17
C CYS B 71 -30.16 7.08 -3.61
N ILE B 72 -31.48 7.06 -3.80
CA ILE B 72 -32.01 7.04 -5.15
C ILE B 72 -31.63 8.29 -5.88
N THR B 73 -31.70 9.44 -5.23
CA THR B 73 -31.37 10.65 -5.97
C THR B 73 -29.88 10.63 -6.29
N TYR B 74 -29.09 10.00 -5.43
CA TYR B 74 -27.68 9.84 -5.75
C TYR B 74 -27.55 8.97 -6.96
N ILE B 75 -28.27 7.84 -6.98
CA ILE B 75 -28.22 6.88 -8.08
C ILE B 75 -28.54 7.57 -9.41
N CYS B 76 -29.52 8.47 -9.38
CA CYS B 76 -29.96 9.19 -10.54
C CYS B 76 -28.80 9.88 -11.22
N GLU B 77 -27.97 10.54 -10.44
CA GLU B 77 -26.84 11.23 -11.01
C GLU B 77 -25.58 10.39 -11.03
N GLU B 78 -25.59 9.33 -10.23
CA GLU B 78 -24.53 8.37 -10.13
C GLU B 78 -24.19 7.68 -11.41
N ASP B 79 -25.18 7.03 -12.01
CA ASP B 79 -24.90 6.27 -13.21
C ASP B 79 -26.09 6.08 -14.11
N SER B 80 -26.11 6.86 -15.18
CA SER B 80 -27.17 6.82 -16.17
C SER B 80 -27.17 5.56 -17.01
N TYR B 81 -26.17 4.72 -16.85
CA TYR B 81 -26.15 3.46 -17.54
C TYR B 81 -26.42 2.28 -16.62
N LEU B 82 -26.88 2.55 -15.38
CA LEU B 82 -27.12 1.47 -14.43
C LEU B 82 -28.49 0.83 -14.63
N ALA B 83 -28.49 -0.50 -14.62
CA ALA B 83 -29.71 -1.27 -14.73
C ALA B 83 -30.63 -0.90 -13.60
N GLY B 84 -31.89 -0.74 -13.94
CA GLY B 84 -32.88 -0.35 -12.96
C GLY B 84 -33.10 1.14 -12.99
N THR B 85 -32.35 1.86 -13.83
CA THR B 85 -32.53 3.29 -13.97
C THR B 85 -31.88 3.81 -15.25
N ALA C 1 -5.84 -37.50 -13.47
CA ALA C 1 -5.31 -37.31 -12.13
C ALA C 1 -6.21 -36.40 -11.30
N ASP C 2 -6.51 -35.22 -11.84
CA ASP C 2 -7.36 -34.27 -11.16
C ASP C 2 -6.76 -33.87 -9.80
N LYS C 3 -7.57 -33.91 -8.75
CA LYS C 3 -7.10 -33.56 -7.41
C LYS C 3 -6.01 -34.53 -6.94
N VAL C 4 -5.93 -35.67 -7.60
CA VAL C 4 -4.93 -36.66 -7.26
C VAL C 4 -3.59 -36.03 -7.23
N LEU C 5 -3.43 -34.95 -7.97
CA LEU C 5 -2.15 -34.28 -8.01
C LEU C 5 -1.86 -33.49 -6.75
N LYS C 6 -2.67 -33.66 -5.73
CA LYS C 6 -2.27 -33.12 -4.45
C LYS C 6 -1.12 -33.94 -3.91
N GLU C 7 -0.87 -35.08 -4.54
CA GLU C 7 0.31 -35.84 -4.19
C GLU C 7 1.46 -35.63 -5.15
N LYS C 8 1.25 -34.64 -6.02
CA LYS C 8 2.16 -34.13 -7.05
C LYS C 8 3.46 -33.37 -6.74
N ARG C 9 3.50 -32.43 -5.78
CA ARG C 9 2.53 -32.17 -4.73
C ARG C 9 2.34 -30.70 -4.38
N LYS C 10 1.38 -30.36 -3.51
CA LYS C 10 1.17 -28.92 -3.38
C LYS C 10 2.20 -28.27 -2.42
N LEU C 11 3.33 -28.92 -2.16
CA LEU C 11 4.44 -28.33 -1.45
C LEU C 11 5.34 -27.59 -2.38
N PHE C 12 5.09 -27.74 -3.68
CA PHE C 12 5.84 -27.02 -4.68
C PHE C 12 5.10 -25.82 -5.16
N ILE C 13 4.05 -25.41 -4.44
CA ILE C 13 3.30 -24.25 -4.91
C ILE C 13 4.14 -22.99 -4.67
N ARG C 14 5.12 -23.14 -3.80
CA ARG C 14 6.10 -22.14 -3.53
C ARG C 14 6.78 -21.58 -4.79
N SER C 15 6.79 -22.35 -5.89
CA SER C 15 7.35 -21.87 -7.15
C SER C 15 6.42 -21.05 -8.06
N MET C 16 5.15 -20.94 -7.70
CA MET C 16 4.20 -20.20 -8.56
C MET C 16 4.21 -18.71 -8.26
N GLY C 17 3.76 -17.91 -9.24
CA GLY C 17 3.65 -16.45 -9.04
C GLY C 17 2.57 -15.81 -9.92
N GLU C 18 2.14 -14.60 -9.53
CA GLU C 18 1.03 -13.87 -10.17
C GLU C 18 1.26 -13.60 -11.62
N GLY C 19 2.53 -13.63 -12.03
CA GLY C 19 2.91 -13.44 -13.42
C GLY C 19 2.23 -14.43 -14.33
N THR C 20 1.88 -15.59 -13.81
CA THR C 20 1.19 -16.55 -14.62
C THR C 20 -0.15 -16.94 -14.02
N ILE C 21 -0.28 -16.79 -12.70
CA ILE C 21 -1.51 -17.14 -12.01
C ILE C 21 -2.62 -16.28 -12.49
N ASN C 22 -2.34 -15.00 -12.68
CA ASN C 22 -3.36 -14.07 -13.12
C ASN C 22 -3.97 -14.55 -14.43
N GLY C 23 -3.12 -15.04 -15.32
CA GLY C 23 -3.56 -15.58 -16.60
C GLY C 23 -4.38 -16.84 -16.39
N LEU C 24 -3.96 -17.68 -15.45
CA LEU C 24 -4.70 -18.87 -15.12
C LEU C 24 -6.10 -18.50 -14.72
N LEU C 25 -6.19 -17.51 -13.83
CA LEU C 25 -7.45 -17.08 -13.30
C LEU C 25 -8.33 -16.55 -14.40
N ASP C 26 -7.72 -15.84 -15.33
CA ASP C 26 -8.46 -15.27 -16.43
C ASP C 26 -9.05 -16.38 -17.25
N GLU C 27 -8.30 -17.46 -17.42
CA GLU C 27 -8.81 -18.59 -18.12
C GLU C 27 -9.89 -19.28 -17.33
N LEU C 28 -9.78 -19.31 -16.01
CA LEU C 28 -10.84 -19.97 -15.25
C LEU C 28 -12.14 -19.21 -15.38
N LEU C 29 -12.02 -17.90 -15.55
CA LEU C 29 -13.16 -17.07 -15.85
C LEU C 29 -13.74 -17.37 -17.22
N GLN C 30 -12.86 -17.47 -18.23
CA GLN C 30 -13.28 -17.73 -19.60
C GLN C 30 -13.98 -19.05 -19.73
N THR C 31 -13.54 -20.01 -18.94
CA THR C 31 -14.00 -21.37 -18.99
C THR C 31 -15.08 -21.58 -17.96
N ARG C 32 -15.48 -20.47 -17.35
CA ARG C 32 -16.59 -20.42 -16.43
C ARG C 32 -16.40 -21.44 -15.33
N VAL C 33 -15.14 -21.67 -14.93
CA VAL C 33 -14.88 -22.52 -13.80
C VAL C 33 -15.16 -21.77 -12.54
N LEU C 34 -14.64 -20.56 -12.44
CA LEU C 34 -14.91 -19.77 -11.27
C LEU C 34 -15.70 -18.55 -11.65
N ASN C 35 -16.62 -18.18 -10.77
CA ASN C 35 -17.45 -16.99 -10.94
C ASN C 35 -16.64 -15.74 -10.75
N LYS C 36 -16.99 -14.67 -11.48
CA LYS C 36 -16.28 -13.39 -11.39
C LYS C 36 -16.27 -12.86 -9.98
N GLU C 37 -17.35 -13.09 -9.24
CA GLU C 37 -17.48 -12.62 -7.88
C GLU C 37 -16.42 -13.30 -7.03
N GLU C 38 -16.44 -14.62 -7.06
CA GLU C 38 -15.50 -15.33 -6.26
C GLU C 38 -14.13 -15.22 -6.82
N MET C 39 -13.99 -14.82 -8.07
CA MET C 39 -12.70 -14.52 -8.66
C MET C 39 -12.08 -13.34 -7.94
N GLU C 40 -12.90 -12.33 -7.72
CA GLU C 40 -12.45 -11.13 -7.11
C GLU C 40 -12.07 -11.42 -5.67
N LYS C 41 -12.76 -12.37 -5.07
CA LYS C 41 -12.51 -12.71 -3.69
C LYS C 41 -11.09 -13.22 -3.43
N VAL C 42 -10.36 -13.58 -4.47
CA VAL C 42 -9.02 -14.12 -4.29
C VAL C 42 -8.17 -13.07 -3.74
N LYS C 43 -8.55 -11.82 -4.04
CA LYS C 43 -7.84 -10.60 -3.63
C LYS C 43 -7.79 -10.35 -2.10
N ARG C 44 -8.57 -11.12 -1.31
CA ARG C 44 -8.58 -11.10 0.14
C ARG C 44 -7.29 -11.68 0.78
N GLU C 45 -6.52 -12.50 0.02
CA GLU C 45 -5.39 -13.33 0.47
C GLU C 45 -4.28 -12.66 1.26
N ASN C 46 -3.90 -13.25 2.38
CA ASN C 46 -2.89 -12.68 3.26
C ASN C 46 -1.50 -12.58 2.64
N ALA C 47 -0.81 -11.49 2.95
CA ALA C 47 0.56 -11.28 2.48
C ALA C 47 0.70 -11.28 0.95
N THR C 48 1.67 -12.02 0.43
CA THR C 48 1.96 -12.03 -1.00
C THR C 48 0.83 -12.64 -1.83
N VAL C 49 0.61 -12.08 -3.01
CA VAL C 49 -0.42 -12.59 -3.91
C VAL C 49 -0.19 -14.08 -4.03
N MET C 50 1.05 -14.51 -3.83
CA MET C 50 1.42 -15.91 -3.98
C MET C 50 0.68 -16.84 -3.02
N ASP C 51 0.33 -16.38 -1.84
CA ASP C 51 -0.27 -17.29 -0.90
C ASP C 51 -1.47 -17.78 -1.67
N LYS C 52 -1.85 -17.01 -2.69
CA LYS C 52 -3.09 -17.24 -3.37
C LYS C 52 -3.08 -18.64 -3.91
N THR C 53 -1.89 -19.23 -3.92
CA THR C 53 -1.78 -20.60 -4.31
C THR C 53 -2.49 -21.50 -3.36
N ARG C 54 -2.61 -21.07 -2.11
CA ARG C 54 -3.45 -21.79 -1.14
C ARG C 54 -4.91 -21.75 -1.57
N ALA C 55 -5.35 -20.59 -2.08
CA ALA C 55 -6.69 -20.43 -2.58
C ALA C 55 -6.89 -21.24 -3.86
N LEU C 56 -5.84 -21.38 -4.67
CA LEU C 56 -5.95 -22.19 -5.88
C LEU C 56 -6.18 -23.64 -5.51
N ILE C 57 -5.52 -24.08 -4.46
CA ILE C 57 -5.71 -25.43 -3.98
C ILE C 57 -7.16 -25.61 -3.59
N ASP C 58 -7.70 -24.62 -2.90
CA ASP C 58 -9.08 -24.69 -2.46
C ASP C 58 -9.99 -24.79 -3.67
N SER C 59 -9.66 -24.05 -4.71
CA SER C 59 -10.45 -24.00 -5.90
C SER C 59 -10.28 -25.22 -6.77
N VAL C 60 -9.57 -26.22 -6.24
CA VAL C 60 -9.58 -27.56 -6.80
C VAL C 60 -10.76 -28.20 -6.12
N ILE C 61 -11.96 -27.83 -6.54
CA ILE C 61 -13.15 -28.24 -5.81
C ILE C 61 -13.20 -29.75 -5.80
N PRO C 62 -13.51 -30.31 -4.64
CA PRO C 62 -13.51 -31.77 -4.51
C PRO C 62 -14.39 -32.45 -5.56
N LYS C 63 -15.50 -31.81 -5.94
CA LYS C 63 -16.40 -32.35 -6.96
C LYS C 63 -16.21 -31.76 -8.38
N GLY C 64 -15.20 -30.92 -8.53
CA GLY C 64 -14.94 -30.15 -9.72
C GLY C 64 -13.49 -30.19 -10.11
N ALA C 65 -12.75 -31.18 -9.61
CA ALA C 65 -11.31 -31.28 -9.82
C ALA C 65 -10.98 -31.53 -11.30
N GLN C 66 -11.93 -32.06 -12.04
CA GLN C 66 -11.70 -32.31 -13.44
C GLN C 66 -11.55 -31.00 -14.21
N ALA C 67 -11.98 -29.90 -13.60
CA ALA C 67 -11.83 -28.60 -14.24
C ALA C 67 -10.36 -28.18 -14.22
N CYS C 68 -9.58 -28.81 -13.37
CA CYS C 68 -8.19 -28.49 -13.25
C CYS C 68 -7.44 -29.15 -14.37
N GLN C 69 -8.12 -29.92 -15.21
CA GLN C 69 -7.50 -30.42 -16.41
C GLN C 69 -7.30 -29.23 -17.32
N ILE C 70 -8.18 -28.25 -17.19
CA ILE C 70 -8.02 -27.02 -17.93
C ILE C 70 -6.78 -26.34 -17.38
N CYS C 71 -6.67 -26.28 -16.06
CA CYS C 71 -5.47 -25.73 -15.46
C CYS C 71 -4.21 -26.45 -15.94
N ILE C 72 -4.26 -27.77 -16.09
CA ILE C 72 -3.09 -28.49 -16.57
C ILE C 72 -2.74 -28.04 -17.96
N THR C 73 -3.73 -27.86 -18.83
CA THR C 73 -3.35 -27.49 -20.18
C THR C 73 -2.78 -26.08 -20.15
N TYR C 74 -3.25 -25.26 -19.21
CA TYR C 74 -2.65 -23.95 -19.05
C TYR C 74 -1.22 -24.11 -18.62
N ILE C 75 -0.98 -24.97 -17.63
CA ILE C 75 0.36 -25.20 -17.09
C ILE C 75 1.32 -25.61 -18.21
N CYS C 76 0.83 -26.45 -19.11
CA CYS C 76 1.62 -26.95 -20.23
C CYS C 76 2.24 -25.82 -21.01
N GLU C 77 1.46 -24.80 -21.29
CA GLU C 77 1.96 -23.69 -22.05
C GLU C 77 2.47 -22.57 -21.16
N GLU C 78 2.06 -22.61 -19.91
CA GLU C 78 2.47 -21.68 -18.88
C GLU C 78 3.94 -21.61 -18.63
N ASP C 79 4.52 -22.76 -18.31
CA ASP C 79 5.93 -22.76 -17.97
C ASP C 79 6.61 -24.09 -18.19
N SER C 80 7.37 -24.15 -19.28
CA SER C 80 8.11 -25.33 -19.66
C SER C 80 9.29 -25.63 -18.74
N TYR C 81 9.59 -24.74 -17.82
CA TYR C 81 10.63 -24.99 -16.87
C TYR C 81 10.09 -25.28 -15.48
N LEU C 82 8.79 -25.51 -15.36
CA LEU C 82 8.19 -25.77 -14.05
C LEU C 82 8.33 -27.22 -13.62
N ALA C 83 8.74 -27.40 -12.37
CA ALA C 83 8.87 -28.71 -11.78
C ALA C 83 7.53 -29.40 -11.82
N GLY C 84 7.57 -30.65 -12.19
CA GLY C 84 6.36 -31.44 -12.31
C GLY C 84 5.87 -31.46 -13.75
N THR C 85 6.56 -30.75 -14.64
CA THR C 85 6.21 -30.75 -16.04
C THR C 85 7.36 -30.23 -16.89
N ALA D 1 23.42 -10.02 24.63
CA ALA D 1 22.20 -9.28 24.94
C ALA D 1 20.99 -9.93 24.29
N ASP D 2 21.07 -10.14 22.99
CA ASP D 2 19.98 -10.75 22.23
C ASP D 2 18.69 -9.93 22.37
N LYS D 3 17.58 -10.58 22.70
CA LYS D 3 16.30 -9.89 22.86
C LYS D 3 16.36 -8.89 24.01
N VAL D 4 17.35 -9.04 24.87
CA VAL D 4 17.52 -8.16 25.99
C VAL D 4 17.53 -6.75 25.53
N LEU D 5 17.90 -6.55 24.28
CA LEU D 5 17.95 -5.20 23.73
C LEU D 5 16.57 -4.64 23.44
N LYS D 6 15.53 -5.32 23.87
CA LYS D 6 14.24 -4.68 23.83
C LYS D 6 14.20 -3.58 24.86
N GLU D 7 15.20 -3.58 25.75
CA GLU D 7 15.31 -2.48 26.68
C GLU D 7 16.35 -1.46 26.26
N LYS D 8 16.79 -1.64 25.01
CA LYS D 8 17.76 -0.82 24.27
C LYS D 8 17.44 0.60 23.78
N ARG D 9 16.28 0.89 23.21
CA ARG D 9 15.04 0.13 23.23
C ARG D 9 14.21 0.18 21.96
N LYS D 10 13.13 -0.59 21.85
CA LYS D 10 12.51 -0.59 20.53
C LYS D 10 11.59 0.64 20.32
N LEU D 11 11.75 1.69 21.11
CA LEU D 11 11.09 2.97 20.90
C LEU D 11 11.89 3.82 19.96
N PHE D 12 13.10 3.38 19.64
CA PHE D 12 13.93 4.07 18.70
C PHE D 12 13.88 3.44 17.34
N ILE D 13 12.89 2.56 17.12
CA ILE D 13 12.83 1.93 15.81
C ILE D 13 12.36 2.94 14.78
N ARG D 14 11.76 4.01 15.29
CA ARG D 14 11.37 5.15 14.51
C ARG D 14 12.49 5.72 13.63
N SER D 15 13.75 5.47 13.98
CA SER D 15 14.87 5.91 13.16
C SER D 15 15.30 4.99 12.02
N MET D 16 14.71 3.80 11.91
CA MET D 16 15.10 2.85 10.86
C MET D 16 14.36 3.10 9.56
N GLY D 17 14.92 2.63 8.44
CA GLY D 17 14.27 2.75 7.14
C GLY D 17 14.70 1.66 6.16
N GLU D 18 13.88 1.46 5.11
CA GLU D 18 14.04 0.39 4.12
C GLU D 18 15.36 0.43 3.40
N GLY D 19 15.97 1.61 3.39
CA GLY D 19 17.26 1.83 2.78
C GLY D 19 18.32 0.90 3.35
N THR D 20 18.14 0.47 4.59
CA THR D 20 19.08 -0.44 5.16
C THR D 20 18.39 -1.72 5.61
N ILE D 21 17.10 -1.65 5.91
CA ILE D 21 16.36 -2.82 6.36
C ILE D 21 16.33 -3.86 5.30
N ASN D 22 16.15 -3.43 4.05
CA ASN D 22 16.09 -4.37 2.95
C ASN D 22 17.35 -5.21 2.91
N GLY D 23 18.50 -4.56 3.14
CA GLY D 23 19.78 -5.24 3.19
C GLY D 23 19.83 -6.19 4.38
N LEU D 24 19.30 -5.75 5.51
CA LEU D 24 19.25 -6.61 6.68
C LEU D 24 18.51 -7.87 6.36
N LEU D 25 17.36 -7.70 5.72
CA LEU D 25 16.50 -8.80 5.39
C LEU D 25 17.21 -9.75 4.45
N ASP D 26 17.96 -9.18 3.52
CA ASP D 26 18.66 -9.98 2.56
C ASP D 26 19.68 -10.83 3.28
N GLU D 27 20.31 -10.27 4.29
CA GLU D 27 21.23 -11.02 5.08
C GLU D 27 20.53 -12.06 5.89
N LEU D 28 19.33 -11.78 6.38
CA LEU D 28 18.65 -12.80 7.16
C LEU D 28 18.29 -13.99 6.30
N LEU D 29 18.06 -13.72 5.02
CA LEU D 29 17.88 -14.77 4.05
C LEU D 29 19.15 -15.56 3.83
N GLN D 30 20.27 -14.86 3.65
CA GLN D 30 21.56 -15.49 3.41
C GLN D 30 21.98 -16.38 4.54
N THR D 31 21.63 -15.96 5.74
CA THR D 31 22.02 -16.61 6.96
C THR D 31 20.95 -17.54 7.41
N ARG D 32 19.95 -17.72 6.54
CA ARG D 32 18.89 -18.67 6.72
C ARG D 32 18.21 -18.47 8.06
N VAL D 33 18.13 -17.20 8.51
CA VAL D 33 17.40 -16.91 9.71
C VAL D 33 15.93 -16.91 9.40
N LEU D 34 15.56 -16.21 8.33
CA LEU D 34 14.16 -16.22 7.97
C LEU D 34 13.99 -16.87 6.63
N ASN D 35 12.89 -17.61 6.50
CA ASN D 35 12.53 -18.28 5.27
C ASN D 35 12.09 -17.29 4.22
N LYS D 36 12.38 -17.59 2.94
CA LYS D 36 12.01 -16.72 1.83
C LYS D 36 10.54 -16.44 1.81
N GLU D 37 9.73 -17.43 2.17
CA GLU D 37 8.29 -17.30 2.19
C GLU D 37 7.90 -16.25 3.19
N GLU D 38 8.33 -16.45 4.42
CA GLU D 38 7.99 -15.50 5.44
C GLU D 38 8.71 -14.22 5.25
N MET D 39 9.78 -14.21 4.47
CA MET D 39 10.45 -12.98 4.11
C MET D 39 9.52 -12.11 3.28
N GLU D 40 8.85 -12.74 2.35
CA GLU D 40 7.97 -12.05 1.45
C GLU D 40 6.79 -11.52 2.24
N LYS D 41 6.41 -12.25 3.28
CA LYS D 41 5.27 -11.87 4.08
C LYS D 41 5.44 -10.51 4.76
N VAL D 42 6.66 -9.98 4.82
CA VAL D 42 6.89 -8.72 5.50
C VAL D 42 6.20 -7.66 4.76
N LYS D 43 6.01 -7.91 3.45
CA LYS D 43 5.36 -6.99 2.51
C LYS D 43 3.87 -6.69 2.79
N ARG D 44 3.25 -7.45 3.71
CA ARG D 44 1.87 -7.26 4.18
C ARG D 44 1.70 -5.99 5.03
N GLU D 45 2.79 -5.45 5.62
CA GLU D 45 2.84 -4.38 6.64
C GLU D 45 2.08 -3.09 6.36
N ASN D 46 1.28 -2.65 7.33
CA ASN D 46 0.46 -1.47 7.16
C ASN D 46 1.25 -0.18 6.98
N ALA D 47 0.74 0.70 6.12
CA ALA D 47 1.34 2.01 5.88
C ALA D 47 2.79 1.94 5.38
N THR D 48 3.68 2.72 5.98
CA THR D 48 5.08 2.80 5.53
C THR D 48 5.84 1.50 5.74
N VAL D 49 6.73 1.18 4.80
CA VAL D 49 7.55 -0.01 4.88
C VAL D 49 8.18 -0.01 6.27
N MET D 50 8.34 1.18 6.84
CA MET D 50 8.98 1.34 8.13
C MET D 50 8.26 0.61 9.27
N ASP D 51 6.95 0.50 9.21
CA ASP D 51 6.25 -0.10 10.32
C ASP D 51 6.93 -1.45 10.43
N LYS D 52 7.56 -1.85 9.34
CA LYS D 52 8.06 -3.19 9.22
C LYS D 52 9.01 -3.44 10.35
N THR D 53 9.40 -2.36 11.00
CA THR D 53 10.23 -2.48 12.17
C THR D 53 9.50 -3.18 13.27
N ARG D 54 8.17 -3.07 13.28
CA ARG D 54 7.36 -3.85 14.20
C ARG D 54 7.50 -5.34 13.90
N ALA D 55 7.52 -5.67 12.62
CA ALA D 55 7.70 -7.04 12.17
C ALA D 55 9.11 -7.52 12.50
N LEU D 56 10.10 -6.63 12.43
CA LEU D 56 11.46 -7.02 12.79
C LEU D 56 11.54 -7.38 14.25
N ILE D 57 10.83 -6.64 15.08
CA ILE D 57 10.76 -6.96 16.49
C ILE D 57 10.20 -8.34 16.67
N ASP D 58 9.15 -8.65 15.93
CA ASP D 58 8.53 -9.94 16.02
C ASP D 58 9.53 -11.02 15.64
N SER D 59 10.33 -10.73 14.63
CA SER D 59 11.27 -11.67 14.11
C SER D 59 12.51 -11.79 14.98
N VAL D 60 12.45 -11.15 16.15
CA VAL D 60 13.39 -11.41 17.21
C VAL D 60 12.75 -12.57 17.96
N ILE D 61 12.82 -13.77 17.37
CA ILE D 61 12.07 -14.88 17.89
C ILE D 61 12.53 -15.14 19.32
N PRO D 62 11.57 -15.36 20.21
CA PRO D 62 11.91 -15.54 21.62
C PRO D 62 12.95 -16.64 21.82
N LYS D 63 12.91 -17.69 21.01
CA LYS D 63 13.88 -18.79 21.09
C LYS D 63 15.05 -18.71 20.09
N GLY D 64 15.09 -17.63 19.33
CA GLY D 64 16.00 -17.43 18.23
C GLY D 64 16.63 -16.07 18.26
N ALA D 65 16.62 -15.40 19.42
CA ALA D 65 17.10 -14.04 19.55
C ALA D 65 18.59 -13.94 19.32
N GLN D 66 19.30 -15.06 19.51
CA GLN D 66 20.73 -15.07 19.28
C GLN D 66 21.04 -14.85 17.81
N ALA D 67 20.05 -15.04 16.95
CA ALA D 67 20.27 -14.79 15.53
C ALA D 67 20.37 -13.29 15.26
N CYS D 68 19.91 -12.50 16.21
CA CYS D 68 19.95 -11.08 16.05
C CYS D 68 21.33 -10.57 16.36
N GLN D 69 22.23 -11.47 16.74
CA GLN D 69 23.63 -11.09 16.87
C GLN D 69 24.14 -10.85 15.46
N ILE D 70 23.55 -11.57 14.51
CA ILE D 70 23.87 -11.35 13.12
C ILE D 70 23.36 -9.97 12.76
N CYS D 71 22.13 -9.67 13.16
CA CYS D 71 21.60 -8.34 12.94
C CYS D 71 22.50 -7.27 13.55
N ILE D 72 23.05 -7.51 14.75
CA ILE D 72 23.93 -6.52 15.36
C ILE D 72 25.14 -6.31 14.51
N THR D 73 25.72 -7.37 13.96
CA THR D 73 26.93 -7.15 13.19
C THR D 73 26.56 -6.39 11.91
N TYR D 74 25.33 -6.61 11.43
CA TYR D 74 24.88 -5.82 10.30
C TYR D 74 24.79 -4.37 10.71
N ILE D 75 24.17 -4.11 11.87
CA ILE D 75 23.98 -2.77 12.38
C ILE D 75 25.32 -2.02 12.47
N CYS D 76 26.34 -2.75 12.91
CA CYS D 76 27.67 -2.20 13.08
C CYS D 76 28.14 -1.54 11.80
N GLU D 77 27.96 -2.22 10.69
CA GLU D 77 28.40 -1.67 9.43
C GLU D 77 27.30 -0.90 8.73
N GLU D 78 26.07 -1.13 9.15
CA GLU D 78 24.90 -0.47 8.64
C GLU D 78 24.90 1.02 8.80
N ASP D 79 25.06 1.48 10.03
CA ASP D 79 24.99 2.91 10.26
C ASP D 79 25.73 3.37 11.48
N SER D 80 26.90 3.95 11.24
CA SER D 80 27.76 4.47 12.29
C SER D 80 27.21 5.71 12.96
N TYR D 81 26.12 6.25 12.46
CA TYR D 81 25.49 7.36 13.10
C TYR D 81 24.19 6.98 13.79
N LEU D 82 23.93 5.70 13.95
CA LEU D 82 22.68 5.26 14.57
C LEU D 82 22.77 5.26 16.09
N ALA D 83 21.73 5.81 16.72
CA ALA D 83 21.61 5.84 18.15
C ALA D 83 21.64 4.43 18.68
N GLY D 84 22.39 4.24 19.73
CA GLY D 84 22.53 2.93 20.33
C GLY D 84 23.80 2.25 19.84
N THR D 85 24.52 2.91 18.92
CA THR D 85 25.77 2.37 18.43
C THR D 85 26.61 3.44 17.74
N ALA E 1 -15.70 27.67 13.98
CA ALA E 1 -16.44 26.62 13.29
C ALA E 1 -15.84 25.24 13.57
N ASP E 2 -14.54 25.11 13.34
CA ASP E 2 -13.84 23.86 13.57
C ASP E 2 -14.46 22.73 12.73
N LYS E 3 -14.75 21.59 13.36
CA LYS E 3 -15.33 20.46 12.65
C LYS E 3 -16.71 20.81 12.09
N VAL E 4 -17.30 21.89 12.62
CA VAL E 4 -18.60 22.33 12.18
C VAL E 4 -18.60 22.46 10.69
N LEU E 5 -17.43 22.69 10.13
CA LEU E 5 -17.34 22.84 8.68
C LEU E 5 -17.49 21.54 7.94
N LYS E 6 -17.86 20.48 8.64
CA LYS E 6 -18.24 19.30 7.91
C LYS E 6 -19.56 19.56 7.21
N GLU E 7 -20.21 20.65 7.59
CA GLU E 7 -21.41 21.04 6.88
C GLU E 7 -21.16 22.14 5.87
N LYS E 8 -19.86 22.39 5.67
CA LYS E 8 -19.25 23.34 4.74
C LYS E 8 -19.29 23.17 3.20
N ARG E 9 -19.06 21.98 2.64
CA ARG E 9 -19.05 20.67 3.26
C ARG E 9 -18.04 19.69 2.71
N LYS E 10 -17.88 18.50 3.31
CA LYS E 10 -16.75 17.71 2.82
C LYS E 10 -17.10 16.95 1.50
N LEU E 11 -18.15 17.37 0.80
CA LEU E 11 -18.46 16.87 -0.52
C LEU E 11 -17.71 17.64 -1.57
N PHE E 12 -17.07 18.73 -1.15
CA PHE E 12 -16.27 19.51 -2.05
C PHE E 12 -14.81 19.18 -1.91
N ILE E 13 -14.50 18.06 -1.25
CA ILE E 13 -13.08 17.73 -1.08
C ILE E 13 -12.53 17.27 -2.43
N ARG E 14 -13.44 16.90 -3.32
CA ARG E 14 -13.14 16.56 -4.67
C ARG E 14 -12.30 17.62 -5.41
N SER E 15 -12.33 18.88 -4.95
CA SER E 15 -11.51 19.93 -5.54
C SER E 15 -10.07 20.05 -5.01
N MET E 16 -9.71 19.30 -3.99
CA MET E 16 -8.36 19.41 -3.41
C MET E 16 -7.35 18.54 -4.14
N GLY E 17 -6.07 18.88 -4.03
CA GLY E 17 -5.00 18.07 -4.63
C GLY E 17 -3.67 18.20 -3.89
N GLU E 18 -2.77 17.22 -4.12
CA GLU E 18 -1.48 17.10 -3.43
C GLU E 18 -0.59 18.30 -3.60
N GLY E 19 -0.85 19.06 -4.67
CA GLY E 19 -0.13 20.28 -4.95
C GLY E 19 -0.18 21.26 -3.80
N THR E 20 -1.23 21.19 -3.00
CA THR E 20 -1.31 22.06 -1.87
C THR E 20 -1.45 21.29 -0.58
N ILE E 21 -1.97 20.06 -0.67
CA ILE E 21 -2.15 19.24 0.52
C ILE E 21 -0.85 18.92 1.14
N ASN E 22 0.15 18.64 0.32
CA ASN E 22 1.46 18.29 0.82
C ASN E 22 1.98 19.41 1.71
N GLY E 23 1.77 20.65 1.27
CA GLY E 23 2.16 21.82 2.04
C GLY E 23 1.36 21.91 3.33
N LEU E 24 0.08 21.59 3.25
CA LEU E 24 -0.77 21.59 4.44
C LEU E 24 -0.19 20.64 5.45
N LEU E 25 0.15 19.45 4.99
CA LEU E 25 0.66 18.41 5.83
C LEU E 25 1.95 18.84 6.47
N ASP E 26 2.78 19.53 5.69
CA ASP E 26 4.05 19.98 6.18
C ASP E 26 3.82 20.96 7.31
N GLU E 27 2.81 21.80 7.17
CA GLU E 27 2.47 22.71 8.22
C GLU E 27 1.91 21.99 9.40
N LEU E 28 1.16 20.91 9.21
CA LEU E 28 0.64 20.21 10.36
C LEU E 28 1.75 19.58 11.16
N LEU E 29 2.82 19.21 10.46
CA LEU E 29 4.02 18.75 11.10
C LEU E 29 4.71 19.85 11.89
N GLN E 30 4.83 21.03 11.26
CA GLN E 30 5.49 22.18 11.89
C GLN E 30 4.79 22.62 13.13
N THR E 31 3.47 22.49 13.11
CA THR E 31 2.60 22.96 14.16
C THR E 31 2.29 21.83 15.09
N ARG E 32 2.99 20.71 14.88
CA ARG E 32 2.93 19.56 15.74
C ARG E 32 1.50 19.12 15.93
N VAL E 33 0.68 19.28 14.90
CA VAL E 33 -0.67 18.76 14.95
C VAL E 33 -0.63 17.28 14.73
N LEU E 34 0.07 16.87 13.69
CA LEU E 34 0.18 15.44 13.45
C LEU E 34 1.59 14.99 13.61
N ASN E 35 1.75 13.80 14.16
CA ASN E 35 3.06 13.18 14.35
C ASN E 35 3.65 12.75 13.03
N LYS E 36 4.98 12.81 12.91
CA LYS E 36 5.67 12.42 11.70
C LYS E 36 5.36 11.00 11.29
N GLU E 37 5.18 10.13 12.27
CA GLU E 37 4.88 8.74 12.03
C GLU E 37 3.54 8.64 11.34
N GLU E 38 2.53 9.21 11.98
CA GLU E 38 1.22 9.14 11.40
C GLU E 38 1.12 10.00 10.21
N MET E 39 2.04 10.94 10.03
CA MET E 39 2.11 11.73 8.80
C MET E 39 2.43 10.82 7.63
N GLU E 40 3.40 9.93 7.86
CA GLU E 40 3.85 9.04 6.84
C GLU E 40 2.75 8.08 6.50
N LYS E 41 1.94 7.75 7.50
CA LYS E 41 0.88 6.80 7.30
C LYS E 41 -0.16 7.24 6.27
N VAL E 42 -0.16 8.52 5.89
CA VAL E 42 -1.15 9.01 4.95
C VAL E 42 -0.92 8.37 3.66
N LYS E 43 0.34 7.98 3.44
CA LYS E 43 0.82 7.35 2.21
C LYS E 43 0.20 5.96 1.90
N ARG E 44 -0.53 5.37 2.86
CA ARG E 44 -1.26 4.12 2.71
C ARG E 44 -2.49 4.24 1.79
N GLU E 45 -3.02 5.47 1.57
CA GLU E 45 -4.29 5.80 0.92
C GLU E 45 -4.57 5.20 -0.45
N ASN E 46 -5.76 4.61 -0.61
CA ASN E 46 -6.12 3.94 -1.85
C ASN E 46 -6.22 4.87 -3.06
N ALA E 47 -5.78 4.38 -4.20
CA ALA E 47 -5.86 5.11 -5.47
C ALA E 47 -5.11 6.46 -5.44
N THR E 48 -5.77 7.53 -5.90
CA THR E 48 -5.13 8.84 -6.00
C THR E 48 -4.78 9.43 -4.65
N VAL E 49 -3.66 10.13 -4.59
CA VAL E 49 -3.21 10.79 -3.37
C VAL E 49 -4.39 11.59 -2.84
N MET E 50 -5.28 11.99 -3.76
CA MET E 50 -6.42 12.82 -3.43
C MET E 50 -7.37 12.17 -2.42
N ASP E 51 -7.50 10.86 -2.46
CA ASP E 51 -8.48 10.26 -1.59
C ASP E 51 -8.04 10.74 -0.22
N LYS E 52 -6.78 11.15 -0.16
CA LYS E 52 -6.15 11.43 1.10
C LYS E 52 -6.97 12.49 1.80
N THR E 53 -7.86 13.12 1.03
CA THR E 53 -8.75 14.07 1.61
C THR E 53 -9.69 13.41 2.56
N ARG E 54 -9.97 12.13 2.36
CA ARG E 54 -10.73 11.34 3.32
C ARG E 54 -9.96 11.23 4.64
N ALA E 55 -8.64 11.03 4.53
CA ALA E 55 -7.76 10.96 5.68
C ALA E 55 -7.67 12.32 6.36
N LEU E 56 -7.72 13.41 5.58
CA LEU E 56 -7.69 14.74 6.18
C LEU E 56 -8.93 14.97 7.02
N ILE E 57 -10.06 14.47 6.54
CA ILE E 57 -11.29 14.56 7.30
C ILE E 57 -11.11 13.85 8.61
N ASP E 58 -10.51 12.68 8.55
CA ASP E 58 -10.30 11.89 9.75
C ASP E 58 -9.42 12.66 10.73
N SER E 59 -8.44 13.36 10.18
CA SER E 59 -7.49 14.08 10.97
C SER E 59 -8.06 15.40 11.47
N VAL E 60 -9.35 15.58 11.27
CA VAL E 60 -10.09 16.62 11.96
C VAL E 60 -10.54 15.94 13.23
N ILE E 61 -9.61 15.76 14.16
CA ILE E 61 -9.88 14.93 15.32
C ILE E 61 -11.04 15.55 16.07
N PRO E 62 -11.96 14.70 16.50
CA PRO E 62 -13.17 15.20 17.16
C PRO E 62 -12.84 16.10 18.35
N LYS E 63 -11.75 15.80 19.06
CA LYS E 63 -11.32 16.61 20.21
C LYS E 63 -10.20 17.62 19.90
N GLY E 64 -9.82 17.72 18.64
CA GLY E 64 -8.69 18.48 18.17
C GLY E 64 -9.03 19.30 16.96
N ALA E 65 -10.34 19.53 16.71
CA ALA E 65 -10.81 20.21 15.51
C ALA E 65 -10.36 21.66 15.48
N GLN E 66 -10.06 22.23 16.64
CA GLN E 66 -9.59 23.59 16.70
C GLN E 66 -8.23 23.72 16.04
N ALA E 67 -7.54 22.62 15.83
CA ALA E 67 -6.26 22.67 15.15
C ALA E 67 -6.47 22.94 13.67
N CYS E 68 -7.68 22.73 13.20
CA CYS E 68 -7.97 22.94 11.81
C CYS E 68 -8.17 24.41 11.56
N GLN E 69 -8.10 25.22 12.61
CA GLN E 69 -8.08 26.66 12.41
C GLN E 69 -6.76 27.00 11.78
N ILE E 70 -5.74 26.18 12.08
CA ILE E 70 -4.46 26.34 11.43
C ILE E 70 -4.65 25.99 9.98
N CYS E 71 -5.33 24.88 9.72
CA CYS E 71 -5.64 24.51 8.35
C CYS E 71 -6.40 25.63 7.63
N ILE E 72 -7.33 26.30 8.29
CA ILE E 72 -8.06 27.38 7.65
C ILE E 72 -7.12 28.48 7.28
N THR E 73 -6.18 28.83 8.14
CA THR E 73 -5.31 29.94 7.77
C THR E 73 -4.43 29.50 6.61
N TYR E 74 -4.12 28.21 6.55
CA TYR E 74 -3.40 27.72 5.39
C TYR E 74 -4.26 27.89 4.16
N ILE E 75 -5.52 27.48 4.25
CA ILE E 75 -6.46 27.54 3.14
C ILE E 75 -6.54 28.97 2.59
N CYS E 76 -6.55 29.94 3.49
CA CYS E 76 -6.64 31.34 3.15
C CYS E 76 -5.58 31.72 2.15
N GLU E 77 -4.36 31.29 2.40
CA GLU E 77 -3.27 31.62 1.51
C GLU E 77 -3.06 30.56 0.45
N GLU E 78 -3.59 29.38 0.71
CA GLU E 78 -3.54 28.25 -0.18
C GLU E 78 -4.14 28.48 -1.54
N ASP E 79 -5.41 28.87 -1.54
CA ASP E 79 -6.09 29.03 -2.81
C ASP E 79 -7.25 30.00 -2.77
N SER E 80 -7.00 31.19 -3.30
CA SER E 80 -7.98 32.24 -3.36
C SER E 80 -9.10 31.98 -4.35
N TYR E 81 -8.99 30.90 -5.11
CA TYR E 81 -10.06 30.53 -6.00
C TYR E 81 -10.81 29.30 -5.53
N LEU E 82 -10.59 28.89 -4.29
CA LEU E 82 -11.25 27.69 -3.78
C LEU E 82 -12.66 27.98 -3.28
N ALA E 83 -13.59 27.12 -3.66
CA ALA E 83 -14.96 27.21 -3.23
C ALA E 83 -15.01 27.12 -1.73
N GLY E 84 -15.80 27.97 -1.13
CA GLY E 84 -15.92 28.01 0.31
C GLY E 84 -15.03 29.09 0.88
N THR E 85 -14.25 29.76 0.03
CA THR E 85 -13.41 30.85 0.48
C THR E 85 -12.96 31.71 -0.68
N ALA F 1 -24.42 -7.01 -28.32
CA ALA F 1 -23.58 -7.97 -27.63
C ALA F 1 -23.31 -7.53 -26.19
N ASP F 2 -22.83 -6.30 -26.05
CA ASP F 2 -22.53 -5.77 -24.72
C ASP F 2 -21.50 -6.63 -24.00
N LYS F 3 -21.78 -6.98 -22.74
CA LYS F 3 -20.86 -7.82 -21.96
C LYS F 3 -20.70 -9.19 -22.59
N VAL F 4 -21.62 -9.55 -23.48
CA VAL F 4 -21.57 -10.82 -24.15
C VAL F 4 -20.24 -11.02 -24.77
N LEU F 5 -19.57 -9.91 -25.08
CA LEU F 5 -18.26 -10.00 -25.69
C LEU F 5 -17.18 -10.42 -24.72
N LYS F 6 -17.56 -10.84 -23.52
CA LYS F 6 -16.57 -11.48 -22.69
C LYS F 6 -16.25 -12.84 -23.28
N GLU F 7 -17.05 -13.27 -24.23
CA GLU F 7 -16.72 -14.48 -24.94
C GLU F 7 -16.07 -14.23 -26.28
N LYS F 8 -15.74 -12.95 -26.47
CA LYS F 8 -15.06 -12.35 -27.62
C LYS F 8 -13.58 -12.62 -27.97
N ARG F 9 -12.64 -12.64 -27.02
CA ARG F 9 -12.82 -12.73 -25.58
C ARG F 9 -11.81 -11.93 -24.76
N LYS F 10 -11.98 -11.87 -23.43
CA LYS F 10 -11.07 -10.94 -22.76
C LYS F 10 -9.67 -11.56 -22.51
N LEU F 11 -9.32 -12.63 -23.22
CA LEU F 11 -7.99 -13.18 -23.22
C LEU F 11 -7.13 -12.49 -24.23
N PHE F 12 -7.74 -11.66 -25.05
CA PHE F 12 -7.00 -10.88 -26.02
C PHE F 12 -6.77 -9.48 -25.53
N ILE F 13 -6.99 -9.23 -24.24
CA ILE F 13 -6.79 -7.87 -23.76
C ILE F 13 -5.29 -7.57 -23.71
N ARG F 14 -4.51 -8.64 -23.75
CA ARG F 14 -3.09 -8.58 -23.85
C ARG F 14 -2.59 -7.71 -25.02
N SER F 15 -3.42 -7.51 -26.05
CA SER F 15 -3.05 -6.63 -27.16
C SER F 15 -3.33 -5.14 -26.99
N MET F 16 -3.98 -4.74 -25.90
CA MET F 16 -4.32 -3.33 -25.70
C MET F 16 -3.20 -2.56 -25.04
N GLY F 17 -3.19 -1.23 -25.20
CA GLY F 17 -2.18 -0.38 -24.56
C GLY F 17 -2.68 1.05 -24.33
N GLU F 18 -2.01 1.76 -23.41
CA GLU F 18 -2.38 3.11 -22.95
C GLU F 18 -2.45 4.11 -24.06
N GLY F 19 -1.74 3.82 -25.15
CA GLY F 19 -1.73 4.66 -26.33
C GLY F 19 -3.10 4.90 -26.87
N THR F 20 -4.02 3.97 -26.63
CA THR F 20 -5.36 4.16 -27.09
C THR F 20 -6.35 4.10 -25.94
N ILE F 21 -5.98 3.41 -24.86
CA ILE F 21 -6.86 3.28 -23.71
C ILE F 21 -7.12 4.60 -23.10
N ASN F 22 -6.08 5.43 -23.01
CA ASN F 22 -6.21 6.73 -22.42
C ASN F 22 -7.30 7.52 -23.13
N GLY F 23 -7.33 7.42 -24.46
CA GLY F 23 -8.34 8.08 -25.26
C GLY F 23 -9.71 7.48 -24.99
N LEU F 24 -9.76 6.16 -24.83
CA LEU F 24 -11.01 5.50 -24.50
C LEU F 24 -11.57 6.08 -23.23
N LEU F 25 -10.69 6.19 -22.24
CA LEU F 25 -11.07 6.66 -20.93
C LEU F 25 -11.58 8.07 -21.02
N ASP F 26 -10.92 8.87 -21.86
CA ASP F 26 -11.30 10.24 -22.01
C ASP F 26 -12.69 10.31 -22.58
N GLU F 27 -12.99 9.41 -23.49
CA GLU F 27 -14.32 9.35 -24.03
C GLU F 27 -15.31 8.87 -22.99
N LEU F 28 -14.91 7.95 -22.12
CA LEU F 28 -15.86 7.50 -21.13
C LEU F 28 -16.22 8.62 -20.18
N LEU F 29 -15.26 9.51 -19.97
CA LEU F 29 -15.51 10.73 -19.22
C LEU F 29 -16.47 11.66 -19.95
N GLN F 30 -16.23 11.87 -21.24
CA GLN F 30 -17.05 12.75 -22.06
C GLN F 30 -18.48 12.29 -22.12
N THR F 31 -18.65 10.98 -22.12
CA THR F 31 -19.92 10.33 -22.28
C THR F 31 -20.50 10.00 -20.95
N ARG F 32 -19.83 10.50 -19.91
CA ARG F 32 -20.28 10.40 -18.55
C ARG F 32 -20.58 8.97 -18.18
N VAL F 33 -19.80 8.04 -18.74
CA VAL F 33 -19.93 6.65 -18.35
C VAL F 33 -19.25 6.45 -17.04
N LEU F 34 -18.02 6.95 -16.92
CA LEU F 34 -17.34 6.82 -15.67
C LEU F 34 -17.09 8.17 -15.07
N ASN F 35 -17.21 8.24 -13.75
CA ASN F 35 -16.96 9.46 -12.99
C ASN F 35 -15.50 9.80 -12.97
N LYS F 36 -15.18 11.10 -12.96
CA LYS F 36 -13.79 11.57 -12.94
C LYS F 36 -13.04 11.00 -11.77
N GLU F 37 -13.70 10.84 -10.63
CA GLU F 37 -13.10 10.32 -9.43
C GLU F 37 -12.65 8.90 -9.68
N GLU F 38 -13.60 8.07 -10.09
CA GLU F 38 -13.26 6.71 -10.33
C GLU F 38 -12.43 6.55 -11.54
N MET F 39 -12.40 7.55 -12.40
CA MET F 39 -11.49 7.57 -13.54
C MET F 39 -10.05 7.61 -13.05
N GLU F 40 -9.83 8.46 -12.07
CA GLU F 40 -8.52 8.64 -11.53
C GLU F 40 -8.10 7.37 -10.82
N LYS F 41 -9.05 6.68 -10.25
CA LYS F 41 -8.77 5.48 -9.52
C LYS F 41 -8.13 4.38 -10.36
N VAL F 42 -8.17 4.50 -11.68
CA VAL F 42 -7.62 3.46 -12.55
C VAL F 42 -6.17 3.43 -12.36
N LYS F 43 -5.62 4.58 -11.95
CA LYS F 43 -4.19 4.80 -11.73
C LYS F 43 -3.57 3.96 -10.58
N ARG F 44 -4.42 3.29 -9.76
CA ARG F 44 -4.01 2.39 -8.70
C ARG F 44 -3.41 1.06 -9.22
N GLU F 45 -3.68 0.69 -10.49
CA GLU F 45 -3.39 -0.61 -11.13
C GLU F 45 -1.98 -1.15 -11.04
N ASN F 46 -1.85 -2.41 -10.65
CA ASN F 46 -0.55 -3.04 -10.46
C ASN F 46 0.27 -3.17 -11.74
N ALA F 47 1.58 -2.97 -11.62
CA ALA F 47 2.51 -3.12 -12.74
C ALA F 47 2.19 -2.20 -13.92
N THR F 48 2.17 -2.75 -15.13
CA THR F 48 1.97 -1.96 -16.36
C THR F 48 0.57 -1.35 -16.43
N VAL F 49 0.50 -0.14 -16.97
CA VAL F 49 -0.77 0.55 -17.14
C VAL F 49 -1.72 -0.42 -17.83
N MET F 50 -1.13 -1.36 -18.59
CA MET F 50 -1.91 -2.32 -19.36
C MET F 50 -2.80 -3.22 -18.49
N ASP F 51 -2.39 -3.53 -17.28
CA ASP F 51 -3.18 -4.45 -16.50
C ASP F 51 -4.52 -3.76 -16.47
N LYS F 52 -4.50 -2.45 -16.73
CA LYS F 52 -5.66 -1.63 -16.53
C LYS F 52 -6.77 -2.20 -17.36
N THR F 53 -6.41 -3.08 -18.28
CA THR F 53 -7.41 -3.75 -19.06
C THR F 53 -8.26 -4.63 -18.19
N ARG F 54 -7.71 -5.11 -17.08
CA ARG F 54 -8.49 -5.83 -16.09
C ARG F 54 -9.55 -4.90 -15.48
N ALA F 55 -9.16 -3.66 -15.22
CA ALA F 55 -10.06 -2.65 -14.70
C ALA F 55 -11.11 -2.29 -15.74
N LEU F 56 -10.73 -2.30 -17.02
CA LEU F 56 -11.69 -1.99 -18.07
C LEU F 56 -12.76 -3.05 -18.13
N ILE F 57 -12.36 -4.30 -17.91
CA ILE F 57 -13.32 -5.39 -17.85
C ILE F 57 -14.29 -5.14 -16.73
N ASP F 58 -13.77 -4.71 -15.59
CA ASP F 58 -14.59 -4.45 -14.44
C ASP F 58 -15.60 -3.36 -14.77
N SER F 59 -15.13 -2.36 -15.51
CA SER F 59 -15.93 -1.22 -15.86
C SER F 59 -16.91 -1.54 -16.97
N VAL F 60 -17.01 -2.81 -17.34
CA VAL F 60 -18.10 -3.30 -18.15
C VAL F 60 -19.15 -3.66 -17.12
N ILE F 61 -19.80 -2.63 -16.56
CA ILE F 61 -20.68 -2.85 -15.43
C ILE F 61 -21.77 -3.81 -15.84
N PRO F 62 -22.06 -4.78 -14.99
CA PRO F 62 -23.05 -5.79 -15.34
C PRO F 62 -24.38 -5.18 -15.77
N LYS F 63 -24.77 -4.06 -15.15
CA LYS F 63 -26.02 -3.37 -15.50
C LYS F 63 -25.85 -2.17 -16.46
N GLY F 64 -24.63 -1.96 -16.94
CA GLY F 64 -24.23 -0.82 -17.71
C GLY F 64 -23.42 -1.21 -18.91
N ALA F 65 -23.49 -2.48 -19.33
CA ALA F 65 -22.67 -3.02 -20.40
C ALA F 65 -23.02 -2.39 -21.74
N GLN F 66 -24.23 -1.85 -21.85
CA GLN F 66 -24.63 -1.20 -23.08
C GLN F 66 -23.81 0.06 -23.31
N ALA F 67 -23.15 0.56 -22.27
CA ALA F 67 -22.31 1.73 -22.44
C ALA F 67 -21.04 1.36 -23.21
N CYS F 68 -20.75 0.09 -23.26
CA CYS F 68 -19.58 -0.36 -23.95
C CYS F 68 -19.84 -0.40 -25.42
N GLN F 69 -21.06 -0.06 -25.83
CA GLN F 69 -21.32 0.11 -27.25
C GLN F 69 -20.59 1.38 -27.67
N ILE F 70 -20.45 2.30 -26.73
CA ILE F 70 -19.68 3.49 -26.97
C ILE F 70 -18.23 3.05 -27.14
N CYS F 71 -17.77 2.20 -26.24
CA CYS F 71 -16.43 1.66 -26.37
C CYS F 71 -16.23 0.97 -27.73
N ILE F 72 -17.24 0.24 -28.22
CA ILE F 72 -17.10 -0.42 -29.51
C ILE F 72 -16.93 0.61 -30.58
N THR F 73 -17.68 1.70 -30.55
CA THR F 73 -17.53 2.64 -31.64
C THR F 73 -16.16 3.29 -31.54
N TYR F 74 -15.64 3.40 -30.31
CA TYR F 74 -14.27 3.89 -30.17
C TYR F 74 -13.34 2.90 -30.80
N ILE F 75 -13.51 1.62 -30.50
CA ILE F 75 -12.66 0.55 -31.02
C ILE F 75 -12.60 0.59 -32.54
N CYS F 76 -13.76 0.84 -33.15
CA CYS F 76 -13.89 0.91 -34.59
C CYS F 76 -12.89 1.86 -35.19
N GLU F 77 -12.78 3.03 -34.60
CA GLU F 77 -11.86 4.02 -35.12
C GLU F 77 -10.50 3.94 -34.45
N GLU F 78 -10.46 3.30 -33.30
CA GLU F 78 -9.27 3.07 -32.53
C GLU F 78 -8.18 2.32 -33.25
N ASP F 79 -8.52 1.13 -33.72
CA ASP F 79 -7.50 0.31 -34.35
C ASP F 79 -8.04 -0.69 -35.34
N SER F 80 -7.88 -0.35 -36.61
CA SER F 80 -8.33 -1.18 -37.71
C SER F 80 -7.52 -2.46 -37.88
N TYR F 81 -6.44 -2.60 -37.13
CA TYR F 81 -5.68 -3.82 -37.16
C TYR F 81 -5.87 -4.66 -35.91
N LEU F 82 -6.86 -4.33 -35.08
CA LEU F 82 -7.08 -5.08 -33.85
C LEU F 82 -7.89 -6.35 -34.07
N ALA F 83 -7.42 -7.44 -33.48
CA ALA F 83 -8.09 -8.70 -33.53
C ALA F 83 -9.47 -8.55 -32.95
N GLY F 84 -10.43 -9.14 -33.63
CA GLY F 84 -11.81 -9.05 -33.20
C GLY F 84 -12.53 -7.94 -33.94
N THR F 85 -11.81 -7.21 -34.79
CA THR F 85 -12.42 -6.16 -35.59
C THR F 85 -11.53 -5.78 -36.76
N ALA G 1 24.32 -26.20 -10.50
CA ALA G 1 24.13 -25.41 -9.29
C ALA G 1 22.70 -24.89 -9.21
N ASP G 2 22.25 -24.23 -10.27
CA ASP G 2 20.91 -23.67 -10.31
C ASP G 2 20.69 -22.67 -9.17
N LYS G 3 19.58 -22.82 -8.44
CA LYS G 3 19.28 -21.93 -7.33
C LYS G 3 20.33 -22.04 -6.22
N VAL G 4 21.10 -23.12 -6.27
CA VAL G 4 22.13 -23.36 -5.29
C VAL G 4 23.00 -22.15 -5.19
N LEU G 5 23.06 -21.39 -6.28
CA LEU G 5 23.90 -20.20 -6.29
C LEU G 5 23.32 -19.07 -5.48
N LYS G 6 22.27 -19.33 -4.72
CA LYS G 6 21.86 -18.34 -3.76
C LYS G 6 22.90 -18.27 -2.65
N GLU G 7 23.78 -19.27 -2.63
CA GLU G 7 24.88 -19.20 -1.70
C GLU G 7 26.17 -18.73 -2.33
N LYS G 8 26.01 -18.25 -3.57
CA LYS G 8 27.02 -17.66 -4.46
C LYS G 8 27.69 -16.31 -4.18
N ARG G 9 26.97 -15.25 -3.78
CA ARG G 9 25.62 -15.23 -3.23
C ARG G 9 24.78 -14.02 -3.62
N LYS G 10 23.50 -13.98 -3.25
CA LYS G 10 22.75 -12.87 -3.83
C LYS G 10 22.95 -11.56 -3.04
N LEU G 11 24.01 -11.46 -2.24
CA LEU G 11 24.43 -10.22 -1.61
C LEU G 11 25.30 -9.42 -2.52
N PHE G 12 25.70 -10.02 -3.63
CA PHE G 12 26.48 -9.33 -4.63
C PHE G 12 25.63 -8.85 -5.77
N ILE G 13 24.32 -8.84 -5.58
CA ILE G 13 23.47 -8.40 -6.69
C ILE G 13 23.61 -6.89 -6.82
N ARG G 14 24.10 -6.27 -5.76
CA ARG G 14 24.45 -4.88 -5.73
C ARG G 14 25.35 -4.43 -6.89
N SER G 15 26.10 -5.36 -7.49
CA SER G 15 26.92 -5.03 -8.65
C SER G 15 26.25 -5.08 -10.03
N MET G 16 24.99 -5.51 -10.10
CA MET G 16 24.30 -5.62 -11.39
C MET G 16 23.64 -4.32 -11.79
N GLY G 17 23.39 -4.15 -13.10
CA GLY G 17 22.69 -2.95 -13.59
C GLY G 17 21.94 -3.22 -14.90
N GLU G 18 20.98 -2.33 -15.21
CA GLU G 18 20.07 -2.44 -16.35
C GLU G 18 20.77 -2.52 -17.68
N GLY G 19 22.01 -2.02 -17.71
CA GLY G 19 22.84 -2.06 -18.87
C GLY G 19 23.03 -3.46 -19.41
N THR G 20 22.94 -4.45 -18.53
CA THR G 20 23.06 -5.80 -18.97
C THR G 20 21.83 -6.62 -18.62
N ILE G 21 21.11 -6.20 -17.58
CA ILE G 21 19.92 -6.92 -17.15
C ILE G 21 18.88 -6.90 -18.21
N ASN G 22 18.74 -5.77 -18.87
CA ASN G 22 17.75 -5.62 -19.90
C ASN G 22 17.97 -6.68 -20.98
N GLY G 23 19.24 -6.91 -21.33
CA GLY G 23 19.61 -7.92 -22.30
C GLY G 23 19.29 -9.31 -21.76
N LEU G 24 19.55 -9.52 -20.48
CA LEU G 24 19.23 -10.80 -19.85
C LEU G 24 17.76 -11.08 -20.02
N LEU G 25 16.96 -10.06 -19.71
CA LEU G 25 15.53 -10.18 -19.75
C LEU G 25 15.07 -10.50 -21.16
N ASP G 26 15.72 -9.87 -22.12
CA ASP G 26 15.37 -10.06 -23.50
C ASP G 26 15.63 -11.51 -23.87
N GLU G 27 16.70 -12.06 -23.36
CA GLU G 27 16.99 -13.44 -23.59
C GLU G 27 16.00 -14.33 -22.87
N LEU G 28 15.54 -13.94 -21.68
CA LEU G 28 14.58 -14.79 -21.01
C LEU G 28 13.29 -14.86 -21.78
N LEU G 29 12.98 -13.76 -22.48
CA LEU G 29 11.86 -13.74 -23.39
C LEU G 29 12.07 -14.66 -24.58
N GLN G 30 13.26 -14.58 -25.18
CA GLN G 30 13.60 -15.38 -26.35
C GLN G 30 13.54 -16.84 -26.06
N THR G 31 13.93 -17.19 -24.85
CA THR G 31 14.05 -18.55 -24.40
C THR G 31 12.80 -18.97 -23.69
N ARG G 32 11.81 -18.11 -23.76
CA ARG G 32 10.48 -18.37 -23.26
C ARG G 32 10.54 -18.80 -21.81
N VAL G 33 11.49 -18.25 -21.06
CA VAL G 33 11.54 -18.51 -19.64
C VAL G 33 10.50 -17.68 -18.96
N LEU G 34 10.46 -16.39 -19.28
CA LEU G 34 9.44 -15.57 -18.69
C LEU G 34 8.51 -15.06 -19.73
N ASN G 35 7.23 -14.97 -19.38
CA ASN G 35 6.19 -14.46 -20.26
C ASN G 35 6.33 -12.98 -20.44
N LYS G 36 5.96 -12.47 -21.62
CA LYS G 36 6.04 -11.05 -21.94
C LYS G 36 5.27 -10.22 -20.95
N GLU G 37 4.14 -10.74 -20.49
CA GLU G 37 3.29 -10.05 -19.55
C GLU G 37 4.04 -9.84 -18.26
N GLU G 38 4.51 -10.95 -17.69
CA GLU G 38 5.23 -10.84 -16.46
C GLU G 38 6.56 -10.22 -16.65
N MET G 39 7.06 -10.17 -17.88
CA MET G 39 8.27 -9.44 -18.19
C MET G 39 8.05 -7.95 -17.94
N GLU G 40 6.91 -7.47 -18.40
CA GLU G 40 6.58 -6.09 -18.28
C GLU G 40 6.41 -5.75 -16.83
N LYS G 41 5.92 -6.70 -16.07
CA LYS G 41 5.66 -6.49 -14.67
C LYS G 41 6.90 -6.12 -13.86
N VAL G 42 8.09 -6.34 -14.41
CA VAL G 42 9.32 -6.07 -13.69
C VAL G 42 9.41 -4.62 -13.46
N LYS G 43 8.76 -3.87 -14.36
CA LYS G 43 8.75 -2.40 -14.38
C LYS G 43 8.04 -1.75 -13.15
N ARG G 44 7.33 -2.55 -12.33
CA ARG G 44 6.71 -2.14 -11.08
C ARG G 44 7.71 -1.79 -9.97
N GLU G 45 8.97 -2.29 -10.06
CA GLU G 45 10.02 -2.29 -9.02
C GLU G 45 10.36 -0.95 -8.36
N ASN G 46 10.41 -0.95 -7.04
CA ASN G 46 10.67 0.27 -6.28
C ASN G 46 12.05 0.87 -6.51
N ALA G 47 12.10 2.20 -6.55
CA ALA G 47 13.36 2.93 -6.71
C ALA G 47 14.12 2.58 -7.99
N THR G 48 15.42 2.32 -7.88
CA THR G 48 16.27 2.05 -9.03
C THR G 48 15.90 0.76 -9.75
N VAL G 49 16.02 0.77 -11.08
CA VAL G 49 15.73 -0.40 -11.89
C VAL G 49 16.52 -1.56 -11.28
N MET G 50 17.62 -1.23 -10.60
CA MET G 50 18.50 -2.22 -10.02
C MET G 50 17.81 -3.10 -8.98
N ASP G 51 16.86 -2.57 -8.24
CA ASP G 51 16.28 -3.36 -7.19
C ASP G 51 15.79 -4.58 -7.93
N LYS G 52 15.63 -4.42 -9.24
CA LYS G 52 14.97 -5.40 -10.05
C LYS G 52 15.73 -6.70 -9.89
N THR G 53 16.93 -6.59 -9.33
CA THR G 53 17.68 -7.77 -9.04
C THR G 53 17.00 -8.60 -8.01
N ARG G 54 16.22 -7.97 -7.14
CA ARG G 54 15.38 -8.70 -6.20
C ARG G 54 14.34 -9.53 -6.96
N ALA G 55 13.77 -8.94 -8.00
CA ALA G 55 12.81 -9.61 -8.86
C ALA G 55 13.48 -10.73 -9.64
N LEU G 56 14.74 -10.53 -10.03
CA LEU G 56 15.46 -11.60 -10.73
C LEU G 56 15.65 -12.79 -9.84
N ILE G 57 15.90 -12.54 -8.56
CA ILE G 57 16.02 -13.61 -7.60
C ILE G 57 14.72 -14.37 -7.55
N ASP G 58 13.63 -13.65 -7.53
CA ASP G 58 12.32 -14.27 -7.46
C ASP G 58 12.11 -15.14 -8.69
N SER G 59 12.57 -14.65 -9.82
CA SER G 59 12.39 -15.33 -11.08
C SER G 59 13.36 -16.49 -11.23
N VAL G 60 14.08 -16.81 -10.17
CA VAL G 60 14.79 -18.06 -10.07
C VAL G 60 13.75 -19.00 -9.48
N ILE G 61 12.80 -19.41 -10.31
CA ILE G 61 11.66 -20.14 -9.80
C ILE G 61 12.15 -21.41 -9.14
N PRO G 62 11.60 -21.70 -7.97
CA PRO G 62 12.07 -22.86 -7.21
C PRO G 62 12.04 -24.14 -8.04
N LYS G 63 11.05 -24.28 -8.93
CA LYS G 63 10.93 -25.46 -9.80
C LYS G 63 11.49 -25.27 -11.23
N GLY G 64 12.08 -24.11 -11.48
CA GLY G 64 12.52 -23.67 -12.78
C GLY G 64 13.90 -23.10 -12.73
N ALA G 65 14.67 -23.40 -11.68
CA ALA G 65 16.00 -22.82 -11.46
C ALA G 65 16.98 -23.26 -12.54
N GLN G 66 16.70 -24.38 -13.18
CA GLN G 66 17.57 -24.86 -14.23
C GLN G 66 17.53 -23.92 -15.42
N ALA G 67 16.53 -23.06 -15.49
CA ALA G 67 16.46 -22.10 -16.58
C ALA G 67 17.52 -21.02 -16.38
N CYS G 68 18.03 -20.91 -15.17
CA CYS G 68 19.02 -19.92 -14.87
C CYS G 68 20.36 -20.39 -15.35
N GLN G 69 20.43 -21.59 -15.91
CA GLN G 69 21.64 -22.03 -16.57
C GLN G 69 21.77 -21.21 -17.83
N ILE G 70 20.62 -20.80 -18.37
CA ILE G 70 20.62 -19.91 -19.51
C ILE G 70 21.17 -18.59 -19.03
N CYS G 71 20.67 -18.12 -17.89
CA CYS G 71 21.21 -16.89 -17.31
C CYS G 71 22.72 -16.99 -17.11
N ILE G 72 23.23 -18.15 -16.66
CA ILE G 72 24.67 -18.28 -16.46
C ILE G 72 25.38 -18.11 -17.76
N THR G 73 24.87 -18.70 -18.84
CA THR G 73 25.62 -18.59 -20.08
C THR G 73 25.56 -17.13 -20.53
N TYR G 74 24.48 -16.44 -20.19
CA TYR G 74 24.44 -15.02 -20.49
C TYR G 74 25.50 -14.32 -19.70
N ILE G 75 25.59 -14.63 -18.40
CA ILE G 75 26.56 -14.01 -17.50
C ILE G 75 27.98 -14.17 -18.04
N CYS G 76 28.26 -15.34 -18.58
CA CYS G 76 29.57 -15.67 -19.12
C CYS G 76 30.00 -14.64 -20.13
N GLU G 77 29.11 -14.29 -21.03
CA GLU G 77 29.44 -13.32 -22.04
C GLU G 77 29.08 -11.90 -21.64
N GLU G 78 28.22 -11.80 -20.65
CA GLU G 78 27.79 -10.55 -20.08
C GLU G 78 28.89 -9.69 -19.52
N ASP G 79 29.64 -10.25 -18.59
CA ASP G 79 30.66 -9.46 -17.95
C ASP G 79 31.81 -10.26 -17.38
N SER G 80 32.91 -10.24 -18.10
CA SER G 80 34.12 -10.94 -17.72
C SER G 80 34.82 -10.35 -16.52
N TYR G 81 34.35 -9.21 -16.04
CA TYR G 81 34.90 -8.63 -14.85
C TYR G 81 33.97 -8.76 -13.65
N LEU G 82 32.92 -9.57 -13.77
CA LEU G 82 31.96 -9.72 -12.68
C LEU G 82 32.42 -10.71 -11.62
N ALA G 83 32.29 -10.31 -10.37
CA ALA G 83 32.63 -11.16 -9.25
C ALA G 83 31.78 -12.41 -9.31
N GLY G 84 32.42 -13.53 -9.06
CA GLY G 84 31.75 -14.80 -9.12
C GLY G 84 31.97 -15.47 -10.47
N THR G 85 32.67 -14.77 -11.39
CA THR G 85 32.98 -15.34 -12.69
C THR G 85 34.10 -14.58 -13.37
N ALA H 1 22.43 21.48 17.52
CA ALA H 1 21.02 21.56 17.15
C ALA H 1 20.52 20.25 16.57
N ASP H 2 21.22 19.75 15.56
CA ASP H 2 20.85 18.50 14.91
C ASP H 2 19.43 18.58 14.34
N LYS H 3 18.60 17.57 14.63
CA LYS H 3 17.23 17.54 14.15
C LYS H 3 16.42 18.71 14.71
N VAL H 4 16.94 19.32 15.77
CA VAL H 4 16.28 20.44 16.40
C VAL H 4 15.98 21.48 15.37
N LEU H 5 16.75 21.49 14.30
CA LEU H 5 16.53 22.46 13.25
C LEU H 5 15.32 22.16 12.40
N LYS H 6 14.51 21.20 12.82
CA LYS H 6 13.23 21.07 12.18
C LYS H 6 12.36 22.25 12.58
N GLU H 7 12.81 22.98 13.59
CA GLU H 7 12.10 24.21 13.93
C GLU H 7 12.77 25.44 13.37
N LYS H 8 13.75 25.17 12.50
CA LYS H 8 14.56 26.12 11.74
C LYS H 8 14.00 27.00 10.61
N ARG H 9 13.16 26.50 9.69
CA ARG H 9 12.41 25.25 9.75
C ARG H 9 12.24 24.54 8.42
N LYS H 10 11.66 23.33 8.39
CA LYS H 10 11.71 22.65 7.10
C LYS H 10 10.59 23.15 6.14
N LEU H 11 10.00 24.32 6.40
CA LEU H 11 9.10 24.98 5.49
C LEU H 11 9.85 25.81 4.51
N PHE H 12 11.15 25.97 4.73
CA PHE H 12 11.99 26.70 3.81
C PHE H 12 12.75 25.77 2.91
N ILE H 13 12.34 24.50 2.86
CA ILE H 13 13.08 23.59 2.00
C ILE H 13 12.75 23.90 0.55
N ARG H 14 11.65 24.62 0.36
CA ARG H 14 11.25 25.15 -0.91
C ARG H 14 12.35 25.93 -1.65
N SER H 15 13.34 26.46 -0.91
CA SER H 15 14.46 27.14 -1.54
C SER H 15 15.63 26.28 -2.01
N MET H 16 15.62 24.98 -1.72
CA MET H 16 16.73 24.11 -2.11
C MET H 16 16.58 23.59 -3.53
N GLY H 17 17.69 23.18 -4.14
CA GLY H 17 17.66 22.59 -5.48
C GLY H 17 18.83 21.63 -5.74
N GLU H 18 18.67 20.77 -6.75
CA GLU H 18 19.61 19.69 -7.10
C GLU H 18 20.99 20.19 -7.41
N GLY H 19 21.07 21.46 -7.79
CA GLY H 19 22.33 22.12 -8.08
C GLY H 19 23.29 22.04 -6.93
N THR H 20 22.77 21.94 -5.71
CA THR H 20 23.64 21.82 -4.58
C THR H 20 23.35 20.55 -3.80
N ILE H 21 22.12 20.03 -3.90
CA ILE H 21 21.74 18.84 -3.18
C ILE H 21 22.54 17.67 -3.64
N ASN H 22 22.77 17.60 -4.94
CA ASN H 22 23.52 16.49 -5.50
C ASN H 22 24.89 16.42 -4.84
N GLY H 23 25.50 17.58 -4.64
CA GLY H 23 26.79 17.68 -3.98
C GLY H 23 26.68 17.25 -2.53
N LEU H 24 25.60 17.66 -1.88
CA LEU H 24 25.37 17.25 -0.50
C LEU H 24 25.35 15.75 -0.42
N LEU H 25 24.60 15.15 -1.33
CA LEU H 25 24.42 13.72 -1.34
C LEU H 25 25.76 13.04 -1.56
N ASP H 26 26.57 13.62 -2.42
CA ASP H 26 27.85 13.06 -2.72
C ASP H 26 28.70 13.06 -1.47
N GLU H 27 28.58 14.12 -0.69
CA GLU H 27 29.29 14.18 0.55
C GLU H 27 28.73 13.20 1.54
N LEU H 28 27.42 12.96 1.53
CA LEU H 28 26.90 12.00 2.49
C LEU H 28 27.40 10.61 2.18
N LEU H 29 27.65 10.36 0.90
CA LEU H 29 28.30 9.14 0.48
C LEU H 29 29.73 9.06 0.96
N GLN H 30 30.48 10.14 0.78
CA GLN H 30 31.88 10.21 1.16
C GLN H 30 32.07 9.99 2.64
N THR H 31 31.11 10.50 3.40
CA THR H 31 31.15 10.50 4.85
C THR H 31 30.41 9.32 5.37
N ARG H 32 30.01 8.44 4.45
CA ARG H 32 29.39 7.18 4.75
C ARG H 32 28.19 7.37 5.66
N VAL H 33 27.48 8.49 5.46
CA VAL H 33 26.26 8.71 6.19
C VAL H 33 25.17 7.89 5.55
N LEU H 34 25.06 7.98 4.23
CA LEU H 34 24.06 7.18 3.58
C LEU H 34 24.72 6.19 2.66
N ASN H 35 24.13 4.99 2.60
CA ASN H 35 24.61 3.92 1.74
C ASN H 35 24.33 4.22 0.29
N LYS H 36 25.21 3.77 -0.60
CA LYS H 36 25.07 3.99 -2.04
C LYS H 36 23.75 3.48 -2.55
N GLU H 37 23.28 2.38 -2.00
CA GLU H 37 22.03 1.76 -2.40
C GLU H 37 20.90 2.71 -2.10
N GLU H 38 20.81 3.11 -0.84
CA GLU H 38 19.75 3.99 -0.47
C GLU H 38 19.97 5.35 -1.01
N MET H 39 21.18 5.67 -1.42
CA MET H 39 21.46 6.91 -2.12
C MET H 39 20.72 6.94 -3.44
N GLU H 40 20.79 5.82 -4.14
CA GLU H 40 20.19 5.71 -5.43
C GLU H 40 18.69 5.78 -5.27
N LYS H 41 18.19 5.28 -4.16
CA LYS H 41 16.78 5.25 -3.92
C LYS H 41 16.13 6.63 -3.88
N VAL H 42 16.92 7.69 -3.77
CA VAL H 42 16.37 9.03 -3.68
C VAL H 42 15.72 9.34 -4.96
N LYS H 43 16.20 8.69 -6.02
CA LYS H 43 15.75 8.87 -7.40
C LYS H 43 14.29 8.44 -7.66
N ARG H 44 13.64 7.76 -6.69
CA ARG H 44 12.24 7.36 -6.71
C ARG H 44 11.28 8.56 -6.58
N GLU H 45 11.74 9.71 -6.04
CA GLU H 45 10.96 10.88 -5.62
C GLU H 45 9.98 11.49 -6.62
N ASN H 46 8.75 11.72 -6.18
CA ASN H 46 7.71 12.24 -7.05
C ASN H 46 7.98 13.65 -7.57
N ALA H 47 7.60 13.88 -8.83
CA ALA H 47 7.73 15.18 -9.46
C ALA H 47 9.17 15.71 -9.50
N THR H 48 9.38 16.96 -9.11
CA THR H 48 10.69 17.60 -9.19
C THR H 48 11.71 16.97 -8.24
N VAL H 49 12.96 16.90 -8.69
CA VAL H 49 14.03 16.35 -7.88
C VAL H 49 13.97 17.03 -6.53
N MET H 50 13.43 18.26 -6.53
CA MET H 50 13.35 19.07 -5.32
C MET H 50 12.54 18.42 -4.20
N ASP H 51 11.52 17.66 -4.54
CA ASP H 51 10.68 17.13 -3.48
C ASP H 51 11.69 16.38 -2.62
N LYS H 52 12.82 16.07 -3.23
CA LYS H 52 13.77 15.18 -2.62
C LYS H 52 14.16 15.77 -1.30
N THR H 53 13.82 17.03 -1.11
CA THR H 53 14.06 17.66 0.15
C THR H 53 13.23 17.02 1.22
N ARG H 54 12.09 16.46 0.86
CA ARG H 54 11.30 15.67 1.79
C ARG H 54 12.08 14.43 2.22
N ALA H 55 12.77 13.81 1.28
CA ALA H 55 13.61 12.65 1.54
C ALA H 55 14.81 13.05 2.38
N LEU H 56 15.34 14.26 2.18
CA LEU H 56 16.46 14.72 3.00
C LEU H 56 16.04 14.86 4.43
N ILE H 57 14.82 15.33 4.64
CA ILE H 57 14.27 15.44 5.98
C ILE H 57 14.24 14.07 6.61
N ASP H 58 13.79 13.09 5.84
CA ASP H 58 13.70 11.75 6.34
C ASP H 58 15.07 11.24 6.73
N SER H 59 16.07 11.61 5.94
CA SER H 59 17.41 11.17 6.13
C SER H 59 18.11 11.93 7.25
N VAL H 60 17.34 12.74 7.96
CA VAL H 60 17.76 13.29 9.23
C VAL H 60 17.34 12.23 10.22
N ILE H 61 18.07 11.12 10.26
CA ILE H 61 17.63 9.97 11.02
C ILE H 61 17.50 10.38 12.48
N PRO H 62 16.41 9.96 13.09
CA PRO H 62 16.14 10.37 14.47
C PRO H 62 17.32 10.05 15.40
N LYS H 63 18.01 8.94 15.14
CA LYS H 63 19.18 8.54 15.95
C LYS H 63 20.55 8.91 15.34
N GLY H 64 20.51 9.62 14.22
CA GLY H 64 21.67 9.93 13.40
C GLY H 64 21.68 11.36 13.00
N ALA H 65 20.94 12.22 13.69
CA ALA H 65 20.79 13.63 13.33
C ALA H 65 22.10 14.39 13.47
N GLN H 66 23.01 13.87 14.29
CA GLN H 66 24.29 14.52 14.46
C GLN H 66 25.10 14.44 13.17
N ALA H 67 24.71 13.56 12.26
CA ALA H 67 25.41 13.48 10.99
C ALA H 67 25.07 14.68 10.11
N CYS H 68 24.00 15.37 10.47
CA CYS H 68 23.59 16.51 9.72
C CYS H 68 24.41 17.70 10.10
N GLN H 69 25.32 17.52 11.06
CA GLN H 69 26.28 18.56 11.34
C GLN H 69 27.23 18.62 10.15
N ILE H 70 27.40 17.47 9.50
CA ILE H 70 28.18 17.43 8.29
C ILE H 70 27.41 18.22 7.24
N CYS H 71 26.11 17.96 7.15
CA CYS H 71 25.28 18.73 6.24
C CYS H 71 25.38 20.23 6.52
N ILE H 72 25.42 20.63 7.79
CA ILE H 72 25.54 22.05 8.10
C ILE H 72 26.82 22.59 7.58
N THR H 73 27.93 21.85 7.72
CA THR H 73 29.17 22.44 7.26
C THR H 73 29.13 22.52 5.73
N TYR H 74 28.39 21.59 5.11
CA TYR H 74 28.21 21.71 3.67
C TYR H 74 27.45 22.96 3.37
N ILE H 75 26.35 23.19 4.10
CA ILE H 75 25.48 24.35 3.90
C ILE H 75 26.29 25.64 3.98
N CYS H 76 27.21 25.69 4.93
CA CYS H 76 28.05 26.83 5.16
C CYS H 76 28.75 27.27 3.90
N GLU H 77 29.31 26.32 3.19
CA GLU H 77 30.02 26.63 1.97
C GLU H 77 29.11 26.52 0.74
N GLU H 78 28.01 25.83 0.91
CA GLU H 78 27.01 25.66 -0.11
C GLU H 78 26.41 26.92 -0.63
N ASP H 79 25.85 27.72 0.26
CA ASP H 79 25.18 28.92 -0.19
C ASP H 79 25.11 30.01 0.86
N SER H 80 25.97 31.00 0.68
CA SER H 80 26.05 32.14 1.56
C SER H 80 24.86 33.08 1.47
N TYR H 81 23.98 32.83 0.52
CA TYR H 81 22.77 33.62 0.42
C TYR H 81 21.54 32.85 0.87
N LEU H 82 21.72 31.70 1.50
CA LEU H 82 20.58 30.89 1.92
C LEU H 82 20.00 31.36 3.25
N ALA H 83 18.67 31.46 3.29
CA ALA H 83 17.96 31.82 4.48
C ALA H 83 18.27 30.82 5.57
N GLY H 84 18.51 31.34 6.75
CA GLY H 84 18.85 30.49 7.88
C GLY H 84 20.35 30.43 8.06
N THR H 85 21.11 31.08 7.17
CA THR H 85 22.55 31.12 7.29
C THR H 85 23.14 32.23 6.43
#